data_1HSA
#
_entry.id   1HSA
#
_cell.length_a   45.100
_cell.length_b   69.800
_cell.length_c   81.100
_cell.angle_alpha   80.30
_cell.angle_beta   88.60
_cell.angle_gamma   89.90
#
_symmetry.space_group_name_H-M   'P 1'
#
loop_
_entity.id
_entity.type
_entity.pdbx_description
1 polymer 'CLASS I HISTOCOMPATIBILITY ANTIGEN (HLA-B*2705)'
2 polymer 'BETA 2-MICROGLOBULIN'
3 polymer 'MODEL PEPTIDE SEQUENCE - ARAAAAAAA'
4 water water
#
loop_
_entity_poly.entity_id
_entity_poly.type
_entity_poly.pdbx_seq_one_letter_code
_entity_poly.pdbx_strand_id
1 'polypeptide(L)'
;GSHSMRYFHTSVSRPGRGEPRFITVGYVDDTLFVRFDSDAASPREEPRAPWIEQEGPEYWDRETQICKAKAQTDREDLRT
LLRYYNQSEAGSHTLQNMYGCDVGPDGRLLRGYHQDAYDGKDYIALNEDLSSWTAADTAAQITQRKWEAARVAEQLRAYL
EGECVEWLRRYLENGKETLQRADPPKTHVTHHPISDHEATLRCWALGFYPAEITLTWQRDGEDQTQDTELVETRPAGDRT
FQKWAAVVVPSGEEQRYTCHVQHEGLPKPLTLRWEP
;
A,D
2 'polypeptide(L)'
;IQRTPKIQVYSRHPAENGKSNFLNCYVSGFHPSDIEVDLLKNGERIEKVEHSDLSFSKDWSFYLLYYTEFTPTEKDEYAC
RVNHVTLSQPKIVKWDRDM
;
B,E
3 'polypeptide(L)' ARAAAAAAA C,F
#
# COMPACT_ATOMS: atom_id res chain seq x y z
N GLY A 1 -5.33 -8.93 13.47
CA GLY A 1 -6.53 -8.23 13.06
C GLY A 1 -6.29 -6.86 13.66
N SER A 2 -6.97 -6.54 14.75
CA SER A 2 -6.61 -5.35 15.48
C SER A 2 -5.35 -5.64 16.31
N HIS A 3 -5.31 -6.74 17.06
CA HIS A 3 -4.12 -7.00 17.87
C HIS A 3 -3.79 -8.48 17.93
N SER A 4 -2.59 -8.86 18.39
CA SER A 4 -2.27 -10.27 18.39
C SER A 4 -1.29 -10.66 19.47
N MET A 5 -1.24 -11.96 19.74
CA MET A 5 -0.31 -12.50 20.73
C MET A 5 0.30 -13.73 20.12
N ARG A 6 1.60 -13.98 20.25
CA ARG A 6 2.16 -15.17 19.63
C ARG A 6 3.26 -15.71 20.49
N TYR A 7 3.35 -17.03 20.52
CA TYR A 7 4.42 -17.70 21.22
C TYR A 7 5.20 -18.51 20.22
N PHE A 8 6.53 -18.44 20.19
CA PHE A 8 7.37 -19.12 19.22
C PHE A 8 8.23 -20.10 19.96
N HIS A 9 8.51 -21.31 19.44
CA HIS A 9 9.32 -22.28 20.19
C HIS A 9 10.23 -23.03 19.24
N THR A 10 11.46 -23.30 19.67
CA THR A 10 12.42 -23.97 18.84
C THR A 10 13.20 -24.97 19.71
N SER A 11 13.20 -26.27 19.35
CA SER A 11 14.07 -27.26 19.97
C SER A 11 15.03 -27.82 18.91
N VAL A 12 16.29 -27.92 19.24
CA VAL A 12 17.30 -28.37 18.31
C VAL A 12 18.06 -29.50 18.95
N SER A 13 18.11 -30.68 18.36
CA SER A 13 18.89 -31.74 18.99
C SER A 13 20.33 -31.45 18.80
N ARG A 14 21.17 -31.90 19.73
CA ARG A 14 22.59 -31.67 19.73
C ARG A 14 23.34 -32.97 20.04
N PRO A 15 23.21 -34.01 19.19
CA PRO A 15 23.87 -35.31 19.39
C PRO A 15 25.38 -35.16 19.68
N GLY A 16 25.84 -35.87 20.68
CA GLY A 16 27.23 -35.75 21.07
C GLY A 16 27.55 -34.41 21.75
N ARG A 17 26.58 -33.50 21.99
CA ARG A 17 26.89 -32.28 22.72
C ARG A 17 26.01 -32.02 23.93
N GLY A 18 24.74 -32.41 23.96
CA GLY A 18 23.92 -32.15 25.13
C GLY A 18 22.48 -32.45 24.88
N GLU A 19 21.62 -32.17 25.88
CA GLU A 19 20.17 -32.24 25.77
C GLU A 19 19.82 -31.22 24.66
N PRO A 20 18.65 -31.30 24.01
CA PRO A 20 18.25 -30.35 22.99
C PRO A 20 18.13 -28.97 23.61
N ARG A 21 18.52 -27.97 22.87
CA ARG A 21 18.36 -26.61 23.31
C ARG A 21 16.94 -26.18 22.97
N PHE A 22 16.27 -25.52 23.91
CA PHE A 22 14.92 -25.06 23.75
C PHE A 22 14.86 -23.54 24.01
N ILE A 23 14.26 -22.79 23.09
CA ILE A 23 14.12 -21.36 23.22
C ILE A 23 12.73 -21.00 22.79
N THR A 24 12.07 -20.13 23.55
CA THR A 24 10.73 -19.67 23.27
C THR A 24 10.58 -18.20 23.67
N VAL A 25 9.85 -17.47 22.86
CA VAL A 25 9.65 -16.06 23.10
C VAL A 25 8.20 -15.79 22.79
N GLY A 26 7.63 -14.78 23.42
CA GLY A 26 6.27 -14.43 23.15
C GLY A 26 6.25 -12.98 22.71
N TYR A 27 5.28 -12.63 21.86
CA TYR A 27 5.08 -11.29 21.36
C TYR A 27 3.65 -10.88 21.51
N VAL A 28 3.43 -9.59 21.74
CA VAL A 28 2.11 -9.01 21.54
C VAL A 28 2.44 -8.04 20.41
N ASP A 29 1.67 -8.12 19.32
CA ASP A 29 1.98 -7.40 18.08
C ASP A 29 3.45 -7.56 17.74
N ASP A 30 4.23 -6.49 17.64
CA ASP A 30 5.64 -6.64 17.30
C ASP A 30 6.49 -6.39 18.51
N THR A 31 5.92 -6.48 19.71
CA THR A 31 6.68 -6.32 20.95
C THR A 31 6.97 -7.68 21.65
N LEU A 32 8.26 -7.95 21.86
CA LEU A 32 8.70 -9.09 22.63
C LEU A 32 8.38 -8.77 24.07
N PHE A 33 7.75 -9.74 24.79
CA PHE A 33 7.51 -9.56 26.22
C PHE A 33 8.01 -10.62 27.15
N VAL A 34 8.28 -11.85 26.70
CA VAL A 34 8.86 -12.91 27.52
C VAL A 34 9.82 -13.76 26.70
N ARG A 35 10.81 -14.38 27.36
CA ARG A 35 11.71 -15.36 26.75
C ARG A 35 11.99 -16.47 27.77
N PHE A 36 12.26 -17.71 27.32
CA PHE A 36 12.76 -18.78 28.16
C PHE A 36 13.83 -19.48 27.34
N ASP A 37 15.04 -19.60 27.86
CA ASP A 37 16.09 -20.35 27.24
C ASP A 37 16.52 -21.40 28.24
N SER A 38 16.40 -22.66 27.81
CA SER A 38 16.75 -23.82 28.62
C SER A 38 18.24 -23.83 28.93
N ASP A 39 19.06 -23.07 28.22
CA ASP A 39 20.49 -23.06 28.46
C ASP A 39 20.96 -21.98 29.47
N ALA A 40 19.99 -21.22 29.96
CA ALA A 40 20.21 -20.17 30.93
C ALA A 40 20.52 -20.83 32.27
N ALA A 41 21.37 -20.22 33.13
CA ALA A 41 21.63 -20.70 34.50
C ALA A 41 20.33 -20.73 35.25
N SER A 42 19.93 -21.85 35.82
CA SER A 42 18.64 -21.97 36.53
C SER A 42 17.45 -21.43 35.71
N PRO A 43 17.22 -21.86 34.44
CA PRO A 43 16.15 -21.38 33.55
C PRO A 43 14.79 -20.97 34.10
N ARG A 44 14.41 -19.75 33.84
CA ARG A 44 13.10 -19.23 34.19
C ARG A 44 12.60 -18.38 33.06
N GLU A 45 11.29 -18.30 32.88
CA GLU A 45 10.79 -17.36 31.92
C GLU A 45 11.08 -15.94 32.45
N GLU A 46 11.55 -15.01 31.64
CA GLU A 46 11.97 -13.67 32.08
C GLU A 46 11.22 -12.56 31.34
N PRO A 47 10.93 -11.39 31.95
CA PRO A 47 10.23 -10.28 31.29
C PRO A 47 11.14 -9.60 30.26
N ARG A 48 10.56 -9.17 29.14
CA ARG A 48 11.33 -8.45 28.13
C ARG A 48 10.60 -7.19 27.69
N ALA A 49 9.46 -6.87 28.32
CA ALA A 49 8.79 -5.61 28.08
C ALA A 49 8.44 -5.04 29.45
N PRO A 50 8.35 -3.71 29.63
CA PRO A 50 8.04 -3.04 30.91
C PRO A 50 6.70 -3.44 31.51
N TRP A 51 5.65 -3.42 30.71
CA TRP A 51 4.33 -3.74 31.17
C TRP A 51 4.03 -5.18 31.63
N ILE A 52 4.93 -6.13 31.49
CA ILE A 52 4.61 -7.46 31.95
C ILE A 52 5.20 -7.71 33.32
N GLU A 53 6.13 -6.86 33.74
CA GLU A 53 6.86 -7.11 34.98
C GLU A 53 5.97 -7.03 36.22
N GLN A 54 4.80 -6.42 36.12
CA GLN A 54 3.92 -6.32 37.24
C GLN A 54 3.25 -7.63 37.54
N GLU A 55 3.35 -8.62 36.67
CA GLU A 55 2.68 -9.87 36.99
C GLU A 55 3.35 -10.47 38.20
N GLY A 56 2.60 -11.23 38.97
CA GLY A 56 3.14 -11.72 40.22
C GLY A 56 3.92 -13.02 40.10
N PRO A 57 4.52 -13.43 41.23
CA PRO A 57 5.31 -14.64 41.31
C PRO A 57 4.61 -15.92 40.82
N GLU A 58 3.30 -16.10 40.99
CA GLU A 58 2.60 -17.27 40.47
C GLU A 58 2.59 -17.29 38.94
N TYR A 59 2.58 -16.08 38.31
CA TYR A 59 2.61 -15.96 36.85
C TYR A 59 3.96 -16.47 36.40
N TRP A 60 5.06 -15.96 36.95
CA TRP A 60 6.37 -16.40 36.52
C TRP A 60 6.66 -17.89 36.78
N ASP A 61 6.10 -18.45 37.84
CA ASP A 61 6.26 -19.86 38.19
C ASP A 61 5.53 -20.79 37.25
N ARG A 62 4.27 -20.48 36.98
CA ARG A 62 3.47 -21.28 36.07
C ARG A 62 4.02 -21.22 34.67
N GLU A 63 4.39 -20.00 34.18
CA GLU A 63 4.99 -19.90 32.85
C GLU A 63 6.29 -20.70 32.77
N THR A 64 7.20 -20.64 33.75
CA THR A 64 8.39 -21.47 33.77
C THR A 64 8.04 -22.98 33.75
N GLN A 65 7.01 -23.44 34.46
CA GLN A 65 6.64 -24.85 34.51
C GLN A 65 6.21 -25.26 33.09
N ILE A 66 5.38 -24.42 32.41
CA ILE A 66 4.93 -24.71 31.05
C ILE A 66 6.13 -24.84 30.16
N CYS A 67 7.11 -23.95 30.29
CA CYS A 67 8.24 -24.01 29.40
C CYS A 67 9.04 -25.28 29.61
N LYS A 68 9.48 -25.60 30.82
CA LYS A 68 10.17 -26.85 31.07
C LYS A 68 9.31 -28.04 30.61
N ALA A 69 7.98 -28.00 30.72
CA ALA A 69 7.19 -29.10 30.24
C ALA A 69 7.24 -29.21 28.71
N LYS A 70 7.28 -28.05 28.00
CA LYS A 70 7.34 -28.08 26.54
C LYS A 70 8.72 -28.54 26.13
N ALA A 71 9.78 -28.10 26.83
CA ALA A 71 11.12 -28.54 26.52
C ALA A 71 11.21 -30.08 26.60
N GLN A 72 10.55 -30.70 27.58
CA GLN A 72 10.50 -32.16 27.70
C GLN A 72 9.66 -32.87 26.63
N THR A 73 8.47 -32.38 26.35
CA THR A 73 7.62 -32.94 25.32
C THR A 73 8.33 -32.89 23.95
N ASP A 74 9.03 -31.79 23.62
CA ASP A 74 9.80 -31.67 22.38
C ASP A 74 10.93 -32.67 22.30
N ARG A 75 11.73 -32.86 23.37
CA ARG A 75 12.71 -33.93 23.43
C ARG A 75 12.14 -35.32 23.07
N GLU A 76 10.97 -35.63 23.62
CA GLU A 76 10.33 -36.88 23.31
C GLU A 76 9.89 -36.84 21.87
N ASP A 77 9.35 -35.71 21.42
CA ASP A 77 8.88 -35.57 20.05
C ASP A 77 10.01 -35.68 19.04
N LEU A 78 11.22 -35.23 19.41
CA LEU A 78 12.38 -35.38 18.57
C LEU A 78 12.68 -36.88 18.39
N ARG A 79 12.46 -37.69 19.46
CA ARG A 79 12.72 -39.13 19.39
C ARG A 79 11.67 -39.77 18.52
N THR A 80 10.43 -39.36 18.67
CA THR A 80 9.36 -39.94 17.90
C THR A 80 9.61 -39.75 16.39
N LEU A 81 10.00 -38.52 16.01
CA LEU A 81 10.15 -38.15 14.62
C LEU A 81 11.34 -38.88 14.04
N LEU A 82 12.41 -39.15 14.78
CA LEU A 82 13.47 -40.02 14.25
C LEU A 82 12.90 -41.38 13.89
N ARG A 83 11.96 -41.90 14.68
CA ARG A 83 11.32 -43.14 14.33
C ARG A 83 10.40 -42.91 13.15
N TYR A 84 9.54 -41.93 13.12
CA TYR A 84 8.63 -41.79 12.01
C TYR A 84 9.38 -41.58 10.69
N TYR A 85 10.53 -40.92 10.69
CA TYR A 85 11.17 -40.68 9.41
C TYR A 85 12.40 -41.55 9.24
N ASN A 86 12.64 -42.45 10.17
CA ASN A 86 13.70 -43.47 10.07
C ASN A 86 15.07 -42.86 9.89
N GLN A 87 15.32 -41.89 10.78
CA GLN A 87 16.57 -41.16 10.77
C GLN A 87 17.47 -41.62 11.87
N SER A 88 18.75 -41.37 11.73
CA SER A 88 19.75 -41.71 12.71
C SER A 88 19.77 -40.72 13.89
N GLU A 89 20.24 -41.22 15.02
CA GLU A 89 20.37 -40.45 16.22
C GLU A 89 21.54 -39.53 16.17
N ALA A 90 22.45 -39.74 15.21
CA ALA A 90 23.63 -38.89 15.08
C ALA A 90 23.38 -37.57 14.36
N GLY A 91 22.21 -37.39 13.74
CA GLY A 91 21.97 -36.13 13.03
C GLY A 91 21.24 -35.12 13.89
N SER A 92 21.48 -33.83 13.70
CA SER A 92 20.77 -32.80 14.44
C SER A 92 19.41 -32.51 13.83
N HIS A 93 18.40 -32.12 14.60
CA HIS A 93 17.07 -31.88 14.04
C HIS A 93 16.42 -30.75 14.78
N THR A 94 15.43 -30.12 14.15
CA THR A 94 14.78 -28.91 14.66
C THR A 94 13.28 -29.12 14.64
N LEU A 95 12.66 -28.75 15.74
CA LEU A 95 11.22 -28.78 15.86
C LEU A 95 10.79 -27.36 16.21
N GLN A 96 9.80 -26.80 15.51
CA GLN A 96 9.37 -25.42 15.77
C GLN A 96 7.88 -25.42 15.90
N ASN A 97 7.39 -24.60 16.82
CA ASN A 97 5.97 -24.41 17.04
C ASN A 97 5.62 -22.93 17.32
N MET A 98 4.54 -22.51 16.68
CA MET A 98 4.01 -21.18 16.86
C MET A 98 2.52 -21.32 17.09
N TYR A 99 1.94 -20.70 18.13
CA TYR A 99 0.47 -20.69 18.27
C TYR A 99 0.08 -19.28 18.76
N GLY A 100 -1.15 -18.82 18.66
CA GLY A 100 -1.48 -17.52 19.23
C GLY A 100 -2.83 -17.08 18.71
N CYS A 101 -3.24 -15.84 19.01
CA CYS A 101 -4.52 -15.36 18.56
C CYS A 101 -4.45 -13.90 18.10
N ASP A 102 -5.34 -13.58 17.14
CA ASP A 102 -5.60 -12.24 16.68
C ASP A 102 -6.98 -11.85 17.12
N VAL A 103 -7.16 -10.67 17.68
CA VAL A 103 -8.49 -10.20 18.05
C VAL A 103 -8.82 -8.95 17.25
N GLY A 104 -10.11 -8.77 17.01
CA GLY A 104 -10.65 -7.58 16.37
C GLY A 104 -10.92 -6.47 17.38
N PRO A 105 -11.39 -5.29 17.00
CA PRO A 105 -11.66 -4.18 17.93
C PRO A 105 -12.79 -4.42 18.90
N ASP A 106 -13.63 -5.43 18.60
CA ASP A 106 -14.62 -5.96 19.53
C ASP A 106 -13.97 -6.70 20.69
N GLY A 107 -12.71 -7.15 20.48
CA GLY A 107 -11.94 -7.87 21.46
C GLY A 107 -12.26 -9.35 21.49
N ARG A 108 -12.81 -9.84 20.40
CA ARG A 108 -13.14 -11.25 20.25
C ARG A 108 -12.16 -11.86 19.25
N LEU A 109 -11.92 -13.16 19.33
CA LEU A 109 -11.05 -13.86 18.42
C LEU A 109 -11.43 -13.63 16.97
N LEU A 110 -10.44 -13.26 16.18
CA LEU A 110 -10.54 -13.18 14.75
C LEU A 110 -9.94 -14.43 14.17
N ARG A 111 -8.79 -14.84 14.65
CA ARG A 111 -8.15 -16.01 14.09
C ARG A 111 -7.21 -16.64 15.11
N GLY A 112 -7.19 -17.97 15.21
CA GLY A 112 -6.27 -18.65 16.08
C GLY A 112 -5.35 -19.46 15.19
N TYR A 113 -4.16 -19.73 15.75
CA TYR A 113 -3.11 -20.47 15.08
C TYR A 113 -2.48 -21.51 16.01
N HIS A 114 -2.02 -22.64 15.49
CA HIS A 114 -1.23 -23.60 16.25
C HIS A 114 -0.58 -24.44 15.16
N GLN A 115 0.71 -24.25 14.86
CA GLN A 115 1.34 -25.02 13.77
C GLN A 115 2.76 -25.41 14.10
N ASP A 116 3.20 -26.50 13.49
CA ASP A 116 4.51 -27.02 13.80
C ASP A 116 5.27 -27.32 12.51
N ALA A 117 6.59 -27.24 12.61
CA ALA A 117 7.48 -27.59 11.53
C ALA A 117 8.64 -28.47 11.96
N TYR A 118 9.05 -29.42 11.13
CA TYR A 118 10.21 -30.27 11.39
C TYR A 118 11.28 -29.96 10.34
N ASP A 119 12.48 -29.61 10.80
CA ASP A 119 13.64 -29.28 9.97
C ASP A 119 13.31 -28.19 8.94
N GLY A 120 12.50 -27.24 9.38
CA GLY A 120 12.18 -26.07 8.59
C GLY A 120 11.12 -26.27 7.53
N LYS A 121 10.38 -27.37 7.54
CA LYS A 121 9.30 -27.54 6.59
C LYS A 121 8.03 -27.82 7.41
N ASP A 122 6.84 -27.53 6.86
CA ASP A 122 5.58 -27.72 7.54
C ASP A 122 5.39 -29.15 7.96
N TYR A 123 4.92 -29.37 9.19
CA TYR A 123 4.66 -30.72 9.74
C TYR A 123 3.17 -30.81 9.93
N ILE A 124 2.57 -30.14 10.93
CA ILE A 124 1.13 -30.24 11.01
C ILE A 124 0.56 -28.92 11.56
N ALA A 125 -0.59 -28.47 11.07
CA ALA A 125 -1.11 -27.22 11.49
C ALA A 125 -2.58 -27.32 11.75
N LEU A 126 -3.01 -26.58 12.77
CA LEU A 126 -4.40 -26.41 13.10
C LEU A 126 -5.03 -25.50 12.06
N ASN A 127 -6.15 -25.91 11.48
CA ASN A 127 -6.81 -25.09 10.51
C ASN A 127 -7.53 -23.94 11.22
N GLU A 128 -7.99 -22.95 10.42
CA GLU A 128 -8.67 -21.74 10.88
C GLU A 128 -9.92 -22.10 11.64
N ASP A 129 -10.51 -23.26 11.37
CA ASP A 129 -11.71 -23.66 12.10
C ASP A 129 -11.41 -24.07 13.53
N LEU A 130 -10.13 -24.15 13.90
CA LEU A 130 -9.65 -24.65 15.18
C LEU A 130 -10.26 -26.02 15.54
N SER A 131 -10.45 -26.86 14.51
CA SER A 131 -11.12 -28.15 14.61
C SER A 131 -10.45 -29.24 13.80
N SER A 132 -9.88 -28.96 12.63
CA SER A 132 -9.26 -29.98 11.84
C SER A 132 -7.84 -29.60 11.61
N TRP A 133 -7.10 -30.56 11.10
CA TRP A 133 -5.68 -30.45 10.93
C TRP A 133 -5.24 -30.52 9.47
N THR A 134 -4.16 -29.85 9.11
CA THR A 134 -3.50 -30.08 7.84
C THR A 134 -2.17 -30.70 8.12
N ALA A 135 -1.99 -31.92 7.68
CA ALA A 135 -0.73 -32.62 7.87
C ALA A 135 0.07 -32.53 6.58
N ALA A 136 1.37 -32.30 6.64
CA ALA A 136 2.14 -32.10 5.41
C ALA A 136 2.71 -33.33 4.72
N ASP A 137 2.75 -34.51 5.36
CA ASP A 137 3.22 -35.73 4.72
C ASP A 137 2.62 -36.93 5.43
N THR A 138 3.08 -38.16 5.17
CA THR A 138 2.53 -39.28 5.87
C THR A 138 3.01 -39.44 7.31
N ALA A 139 4.20 -39.01 7.74
CA ALA A 139 4.57 -39.09 9.19
C ALA A 139 3.65 -38.21 10.03
N ALA A 140 3.36 -37.02 9.53
CA ALA A 140 2.48 -36.05 10.17
C ALA A 140 1.08 -36.57 10.15
N GLN A 141 0.75 -37.47 9.21
CA GLN A 141 -0.58 -38.05 9.27
C GLN A 141 -0.75 -39.01 10.44
N ILE A 142 0.34 -39.63 10.89
CA ILE A 142 0.32 -40.46 12.10
C ILE A 142 -0.09 -39.53 13.27
N THR A 143 0.67 -38.43 13.45
CA THR A 143 0.35 -37.41 14.45
C THR A 143 -1.09 -37.00 14.29
N GLN A 144 -1.56 -36.64 13.11
CA GLN A 144 -2.93 -36.19 12.95
C GLN A 144 -3.95 -37.17 13.50
N ARG A 145 -3.79 -38.46 13.23
CA ARG A 145 -4.79 -39.42 13.68
C ARG A 145 -4.78 -39.48 15.22
N LYS A 146 -3.59 -39.59 15.78
CA LYS A 146 -3.45 -39.59 17.21
C LYS A 146 -4.08 -38.35 17.84
N TRP A 147 -3.89 -37.17 17.24
CA TRP A 147 -4.39 -35.91 17.77
C TRP A 147 -5.88 -35.80 17.57
N GLU A 148 -6.47 -36.43 16.55
CA GLU A 148 -7.92 -36.45 16.36
C GLU A 148 -8.58 -37.34 17.42
N ALA A 149 -8.02 -38.53 17.59
CA ALA A 149 -8.46 -39.47 18.58
C ALA A 149 -8.36 -38.87 19.98
N ALA A 150 -7.25 -38.17 20.29
CA ALA A 150 -7.08 -37.59 21.61
C ALA A 150 -7.75 -36.25 21.77
N ARG A 151 -8.63 -35.85 20.84
CA ARG A 151 -9.37 -34.58 20.80
C ARG A 151 -8.59 -33.33 21.22
N VAL A 152 -7.39 -33.24 20.67
CA VAL A 152 -6.47 -32.15 20.93
C VAL A 152 -6.96 -30.81 20.36
N ALA A 153 -7.52 -30.76 19.14
CA ALA A 153 -8.04 -29.49 18.56
C ALA A 153 -9.00 -28.77 19.50
N GLU A 154 -9.91 -29.54 20.14
CA GLU A 154 -10.88 -29.02 21.11
C GLU A 154 -10.20 -28.31 22.27
N GLN A 155 -9.10 -28.82 22.81
CA GLN A 155 -8.42 -28.17 23.92
C GLN A 155 -7.74 -26.87 23.48
N LEU A 156 -7.14 -26.89 22.31
CA LEU A 156 -6.48 -25.70 21.78
C LEU A 156 -7.50 -24.62 21.48
N ARG A 157 -8.66 -25.05 20.95
CA ARG A 157 -9.73 -24.14 20.60
C ARG A 157 -10.24 -23.44 21.84
N ALA A 158 -10.45 -24.20 22.95
CA ALA A 158 -10.89 -23.56 24.18
C ALA A 158 -9.87 -22.53 24.66
N TYR A 159 -8.59 -22.86 24.62
CA TYR A 159 -7.54 -21.91 24.95
C TYR A 159 -7.55 -20.64 24.07
N LEU A 160 -7.55 -20.82 22.73
CA LEU A 160 -7.45 -19.70 21.78
C LEU A 160 -8.68 -18.81 21.87
N GLU A 161 -9.89 -19.40 22.08
CA GLU A 161 -11.06 -18.58 22.26
C GLU A 161 -11.13 -17.92 23.62
N GLY A 162 -10.43 -18.44 24.61
CA GLY A 162 -10.60 -17.94 25.94
C GLY A 162 -9.37 -17.26 26.45
N GLU A 163 -8.58 -18.03 27.21
CA GLU A 163 -7.38 -17.57 27.87
C GLU A 163 -6.53 -16.71 26.94
N CYS A 164 -6.30 -17.11 25.66
CA CYS A 164 -5.46 -16.35 24.72
C CYS A 164 -5.92 -14.91 24.60
N VAL A 165 -7.18 -14.75 24.22
CA VAL A 165 -7.83 -13.47 24.07
C VAL A 165 -7.88 -12.65 25.38
N GLU A 166 -8.37 -13.27 26.47
CA GLU A 166 -8.44 -12.63 27.77
C GLU A 166 -7.11 -12.07 28.22
N TRP A 167 -6.00 -12.81 28.22
CA TRP A 167 -4.73 -12.23 28.64
C TRP A 167 -4.17 -11.23 27.62
N LEU A 168 -4.41 -11.41 26.31
CA LEU A 168 -4.02 -10.39 25.34
C LEU A 168 -4.67 -9.05 25.71
N ARG A 169 -5.99 -8.98 25.90
CA ARG A 169 -6.64 -7.75 26.28
C ARG A 169 -6.05 -7.23 27.60
N ARG A 170 -5.61 -8.12 28.48
CA ARG A 170 -4.96 -7.71 29.72
C ARG A 170 -3.65 -7.02 29.43
N TYR A 171 -2.88 -7.59 28.50
CA TYR A 171 -1.57 -7.06 28.16
C TYR A 171 -1.74 -5.73 27.44
N LEU A 172 -2.74 -5.62 26.56
CA LEU A 172 -3.04 -4.41 25.81
C LEU A 172 -3.39 -3.25 26.72
N GLU A 173 -4.25 -3.47 27.73
CA GLU A 173 -4.62 -2.46 28.71
C GLU A 173 -3.43 -2.10 29.60
N ASN A 174 -2.69 -3.07 30.14
CA ASN A 174 -1.60 -2.71 31.02
C ASN A 174 -0.46 -2.02 30.27
N GLY A 175 -0.31 -2.31 28.99
CA GLY A 175 0.76 -1.72 28.22
C GLY A 175 0.21 -0.73 27.21
N LYS A 176 -1.00 -0.25 27.41
CA LYS A 176 -1.71 0.70 26.57
C LYS A 176 -0.92 1.86 25.98
N GLU A 177 -0.15 2.52 26.84
CA GLU A 177 0.58 3.73 26.48
C GLU A 177 1.71 3.49 25.48
N THR A 178 2.14 2.24 25.28
CA THR A 178 3.15 1.91 24.29
C THR A 178 2.60 1.02 23.21
N LEU A 179 1.88 -0.03 23.60
CA LEU A 179 1.29 -0.97 22.66
C LEU A 179 0.06 -0.47 21.94
N GLN A 180 -0.67 0.51 22.47
CA GLN A 180 -1.81 1.03 21.73
C GLN A 180 -1.47 2.37 21.10
N ARG A 181 -0.21 2.73 21.02
CA ARG A 181 0.13 3.92 20.31
C ARG A 181 0.99 3.57 19.09
N ALA A 182 0.55 3.91 17.89
CA ALA A 182 1.39 3.72 16.71
C ALA A 182 2.39 4.88 16.61
N ASP A 183 3.68 4.57 16.51
CA ASP A 183 4.73 5.53 16.30
C ASP A 183 4.97 5.65 14.77
N PRO A 184 4.57 6.78 14.14
CA PRO A 184 4.68 7.02 12.70
C PRO A 184 6.13 7.12 12.27
N PRO A 185 6.48 6.78 11.03
CA PRO A 185 7.87 6.83 10.58
C PRO A 185 8.44 8.21 10.43
N LYS A 186 9.66 8.38 10.84
CA LYS A 186 10.39 9.58 10.49
C LYS A 186 10.97 9.33 9.11
N THR A 187 10.54 10.08 8.11
CA THR A 187 11.01 9.84 6.75
C THR A 187 11.93 10.92 6.16
N HIS A 188 12.81 10.58 5.22
CA HIS A 188 13.57 11.57 4.49
C HIS A 188 14.27 10.90 3.30
N VAL A 189 14.69 11.67 2.30
CA VAL A 189 15.33 11.09 1.13
C VAL A 189 16.79 11.52 1.11
N THR A 190 17.70 10.59 0.79
CA THR A 190 19.09 10.98 0.66
C THR A 190 19.50 10.71 -0.81
N HIS A 191 20.64 11.25 -1.21
CA HIS A 191 21.07 11.20 -2.56
C HIS A 191 22.50 10.76 -2.53
N HIS A 192 22.82 9.72 -3.30
CA HIS A 192 24.16 9.11 -3.28
C HIS A 192 24.70 8.98 -4.73
N PRO A 193 25.54 9.91 -5.21
CA PRO A 193 26.10 9.88 -6.54
C PRO A 193 26.81 8.56 -6.82
N ILE A 194 26.56 7.94 -7.96
CA ILE A 194 27.21 6.70 -8.37
C ILE A 194 28.37 7.04 -9.30
N SER A 195 28.16 7.99 -10.18
CA SER A 195 29.18 8.40 -11.08
C SER A 195 28.86 9.86 -11.42
N ASP A 196 29.50 10.43 -12.43
CA ASP A 196 29.11 11.77 -12.83
C ASP A 196 27.74 11.77 -13.52
N HIS A 197 27.27 10.58 -13.94
CA HIS A 197 26.07 10.50 -14.74
C HIS A 197 24.88 9.88 -14.03
N GLU A 198 25.03 9.27 -12.85
CA GLU A 198 23.84 8.69 -12.16
C GLU A 198 23.98 8.70 -10.65
N ALA A 199 22.85 8.61 -9.94
CA ALA A 199 22.87 8.60 -8.49
C ALA A 199 21.74 7.76 -7.89
N THR A 200 21.90 7.26 -6.66
CA THR A 200 20.85 6.57 -5.93
C THR A 200 20.04 7.52 -5.04
N LEU A 201 18.71 7.52 -5.13
CA LEU A 201 17.85 8.23 -4.18
C LEU A 201 17.31 7.19 -3.17
N ARG A 202 17.59 7.36 -1.86
CA ARG A 202 17.17 6.39 -0.86
C ARG A 202 16.15 7.05 0.03
N CYS A 203 14.96 6.43 0.13
CA CYS A 203 13.86 6.90 0.96
C CYS A 203 13.82 6.11 2.26
N TRP A 204 14.08 6.80 3.34
CA TRP A 204 14.18 6.23 4.67
C TRP A 204 12.91 6.40 5.48
N ALA A 205 12.51 5.32 6.17
CA ALA A 205 11.41 5.36 7.11
C ALA A 205 12.05 4.81 8.38
N LEU A 206 12.11 5.63 9.45
CA LEU A 206 12.87 5.31 10.67
C LEU A 206 12.04 5.53 11.93
N GLY A 207 12.37 4.79 13.01
CA GLY A 207 11.71 4.91 14.29
C GLY A 207 10.23 4.55 14.33
N PHE A 208 9.69 3.67 13.45
CA PHE A 208 8.27 3.45 13.46
C PHE A 208 7.87 2.16 14.19
N TYR A 209 6.59 2.12 14.63
CA TYR A 209 5.98 0.98 15.34
C TYR A 209 4.49 1.05 15.08
N PRO A 210 3.75 0.03 14.66
CA PRO A 210 4.23 -1.34 14.40
C PRO A 210 5.10 -1.49 13.15
N ALA A 211 5.59 -2.69 12.88
CA ALA A 211 6.49 -2.96 11.75
C ALA A 211 5.94 -2.73 10.36
N GLU A 212 4.65 -3.02 10.14
CA GLU A 212 4.02 -2.84 8.83
C GLU A 212 4.10 -1.42 8.28
N ILE A 213 4.54 -1.31 7.03
CA ILE A 213 4.74 -0.03 6.33
C ILE A 213 4.81 -0.28 4.81
N THR A 214 4.48 0.70 3.98
CA THR A 214 4.64 0.56 2.54
C THR A 214 5.51 1.73 2.07
N LEU A 215 6.60 1.44 1.35
CA LEU A 215 7.46 2.47 0.79
C LEU A 215 7.55 2.19 -0.68
N THR A 216 7.31 3.22 -1.49
CA THR A 216 7.34 3.08 -2.93
C THR A 216 7.99 4.31 -3.51
N TRP A 217 8.57 4.13 -4.70
CA TRP A 217 9.16 5.18 -5.47
C TRP A 217 8.34 5.29 -6.75
N GLN A 218 8.05 6.52 -7.16
CA GLN A 218 7.35 6.85 -8.38
C GLN A 218 8.08 7.91 -9.21
N ARG A 219 8.13 7.76 -10.53
CA ARG A 219 8.71 8.77 -11.40
C ARG A 219 7.53 9.41 -12.13
N ASP A 220 7.32 10.71 -11.90
CA ASP A 220 6.22 11.50 -12.46
C ASP A 220 4.90 10.78 -12.21
N GLY A 221 4.78 10.24 -11.00
CA GLY A 221 3.57 9.57 -10.56
C GLY A 221 3.39 8.14 -11.05
N GLU A 222 4.42 7.50 -11.59
CA GLU A 222 4.27 6.13 -12.01
C GLU A 222 5.14 5.22 -11.16
N ASP A 223 4.67 4.01 -10.85
CA ASP A 223 5.38 3.10 -9.95
C ASP A 223 6.62 2.46 -10.52
N GLN A 224 7.74 2.65 -9.81
CA GLN A 224 9.04 2.13 -10.22
C GLN A 224 9.32 0.74 -9.65
N THR A 225 8.32 -0.12 -9.78
CA THR A 225 8.29 -1.48 -9.27
C THR A 225 9.55 -2.29 -9.52
N GLN A 226 9.79 -2.68 -10.76
CA GLN A 226 10.93 -3.53 -11.02
C GLN A 226 12.26 -2.79 -10.93
N ASP A 227 12.26 -1.53 -10.47
CA ASP A 227 13.49 -0.77 -10.37
C ASP A 227 13.80 -0.30 -8.94
N THR A 228 12.95 -0.56 -7.96
CA THR A 228 13.28 -0.18 -6.59
C THR A 228 13.97 -1.30 -5.81
N GLU A 229 15.05 -0.99 -5.10
CA GLU A 229 15.68 -1.93 -4.17
C GLU A 229 15.04 -1.63 -2.82
N LEU A 230 14.39 -2.62 -2.24
CA LEU A 230 13.62 -2.44 -1.05
C LEU A 230 14.17 -3.34 0.05
N VAL A 231 14.84 -2.85 1.10
CA VAL A 231 15.36 -3.81 2.07
C VAL A 231 14.22 -4.31 2.99
N GLU A 232 14.45 -5.44 3.68
CA GLU A 232 13.52 -6.00 4.67
C GLU A 232 13.50 -5.11 5.91
N THR A 233 12.30 -4.90 6.46
CA THR A 233 12.08 -4.09 7.65
C THR A 233 12.91 -4.69 8.78
N ARG A 234 13.58 -3.83 9.52
CA ARG A 234 14.62 -4.26 10.45
C ARG A 234 14.48 -3.56 11.79
N PRO A 235 14.78 -4.22 12.93
CA PRO A 235 14.73 -3.64 14.26
C PRO A 235 15.78 -2.58 14.46
N ALA A 236 15.40 -1.39 14.92
CA ALA A 236 16.40 -0.38 15.31
C ALA A 236 17.08 -0.83 16.61
N GLY A 237 16.43 -1.72 17.37
CA GLY A 237 17.01 -2.19 18.60
C GLY A 237 16.41 -1.42 19.78
N ASP A 238 15.43 -0.57 19.61
CA ASP A 238 14.84 0.14 20.74
C ASP A 238 13.35 -0.09 20.78
N ARG A 239 12.94 -1.21 20.14
CA ARG A 239 11.58 -1.67 19.90
C ARG A 239 10.88 -1.00 18.70
N THR A 240 11.52 -0.07 17.98
CA THR A 240 10.89 0.44 16.76
C THR A 240 11.66 -0.16 15.56
N PHE A 241 11.21 0.12 14.34
CA PHE A 241 11.76 -0.43 13.13
C PHE A 241 12.25 0.66 12.19
N GLN A 242 12.94 0.21 11.15
CA GLN A 242 13.55 1.01 10.09
C GLN A 242 13.33 0.25 8.80
N LYS A 243 13.21 1.01 7.70
CA LYS A 243 13.10 0.45 6.36
C LYS A 243 13.63 1.52 5.36
N TRP A 244 14.27 1.15 4.26
CA TRP A 244 14.53 2.15 3.20
C TRP A 244 14.23 1.52 1.84
N ALA A 245 13.94 2.37 0.87
CA ALA A 245 13.75 1.96 -0.51
C ALA A 245 14.69 2.80 -1.39
N ALA A 246 15.30 2.29 -2.46
CA ALA A 246 16.18 3.12 -3.27
C ALA A 246 15.92 2.90 -4.74
N VAL A 247 16.30 3.89 -5.55
CA VAL A 247 16.28 3.75 -6.99
C VAL A 247 17.49 4.51 -7.54
N VAL A 248 18.13 4.01 -8.59
CA VAL A 248 19.24 4.68 -9.27
C VAL A 248 18.64 5.47 -10.43
N VAL A 249 18.97 6.74 -10.52
CA VAL A 249 18.36 7.61 -11.51
C VAL A 249 19.43 8.32 -12.30
N PRO A 250 19.09 8.77 -13.51
CA PRO A 250 20.03 9.55 -14.35
C PRO A 250 20.27 10.89 -13.70
N SER A 251 21.49 11.38 -13.69
CA SER A 251 21.76 12.70 -13.14
C SER A 251 21.01 13.78 -13.89
N GLY A 252 20.34 14.65 -13.15
CA GLY A 252 19.48 15.64 -13.71
C GLY A 252 18.01 15.19 -13.64
N GLU A 253 17.70 13.91 -13.42
CA GLU A 253 16.30 13.48 -13.38
C GLU A 253 15.68 13.36 -11.99
N GLU A 254 16.49 13.59 -10.95
CA GLU A 254 16.12 13.37 -9.56
C GLU A 254 14.79 13.94 -9.13
N GLN A 255 14.45 15.14 -9.56
CA GLN A 255 13.24 15.83 -9.13
C GLN A 255 11.98 15.32 -9.80
N ARG A 256 12.07 14.27 -10.63
CA ARG A 256 10.87 13.64 -11.16
C ARG A 256 10.46 12.50 -10.23
N TYR A 257 11.29 12.20 -9.22
CA TYR A 257 11.07 11.04 -8.40
C TYR A 257 10.43 11.37 -7.04
N THR A 258 9.48 10.50 -6.67
CA THR A 258 8.74 10.66 -5.43
C THR A 258 8.67 9.36 -4.61
N CYS A 259 8.87 9.55 -3.30
CA CYS A 259 8.78 8.47 -2.37
C CYS A 259 7.41 8.58 -1.68
N HIS A 260 6.72 7.46 -1.56
CA HIS A 260 5.37 7.42 -1.03
C HIS A 260 5.33 6.39 0.10
N VAL A 261 4.97 6.88 1.29
CA VAL A 261 4.99 6.07 2.52
C VAL A 261 3.59 5.87 3.14
N GLN A 262 3.21 4.62 3.40
CA GLN A 262 1.98 4.33 4.10
C GLN A 262 2.38 3.68 5.40
N HIS A 263 1.74 4.04 6.50
CA HIS A 263 1.94 3.43 7.80
C HIS A 263 0.71 3.79 8.59
N GLU A 264 0.15 2.93 9.44
CA GLU A 264 -1.03 3.31 10.20
C GLU A 264 -0.77 4.48 11.16
N GLY A 265 0.47 4.76 11.48
CA GLY A 265 0.75 5.93 12.27
C GLY A 265 0.61 7.22 11.45
N LEU A 266 0.31 7.16 10.15
CA LEU A 266 0.20 8.36 9.34
C LEU A 266 -1.26 8.57 9.04
N PRO A 267 -1.75 9.81 9.13
CA PRO A 267 -3.13 10.21 8.85
C PRO A 267 -3.52 9.96 7.41
N LYS A 268 -2.54 10.16 6.54
CA LYS A 268 -2.65 10.00 5.11
C LYS A 268 -1.27 9.55 4.64
N PRO A 269 -1.11 8.85 3.52
CA PRO A 269 0.17 8.42 2.99
C PRO A 269 1.00 9.63 2.62
N LEU A 270 2.28 9.60 2.99
CA LEU A 270 3.21 10.68 2.74
C LEU A 270 3.71 10.68 1.30
N THR A 271 4.10 11.85 0.80
CA THR A 271 4.88 11.95 -0.42
C THR A 271 6.06 12.84 0.01
N LEU A 272 7.28 12.43 -0.39
CA LEU A 272 8.52 13.12 -0.07
C LEU A 272 9.35 13.12 -1.33
N ARG A 273 10.30 14.03 -1.36
CA ARG A 273 11.19 14.27 -2.47
C ARG A 273 12.55 14.59 -1.85
N TRP A 274 13.64 14.44 -2.59
CA TRP A 274 14.95 14.87 -2.11
C TRP A 274 14.89 16.39 -2.01
N GLU A 275 15.09 16.99 -0.86
CA GLU A 275 15.12 18.44 -0.75
C GLU A 275 16.59 18.74 -0.54
N PRO A 276 17.29 18.99 -1.66
CA PRO A 276 18.73 19.23 -1.70
C PRO A 276 19.23 20.32 -0.78
N ILE B 1 15.34 -28.45 5.36
CA ILE B 1 15.72 -27.53 4.30
C ILE B 1 16.82 -26.67 4.97
N GLN B 2 17.66 -25.97 4.21
CA GLN B 2 18.69 -25.11 4.74
C GLN B 2 18.51 -23.82 3.99
N ARG B 3 18.77 -22.69 4.63
CA ARG B 3 18.58 -21.39 4.03
C ARG B 3 19.70 -20.51 4.52
N THR B 4 20.24 -19.70 3.60
CA THR B 4 21.38 -18.85 3.92
C THR B 4 20.84 -17.53 4.47
N PRO B 5 21.52 -16.94 5.46
CA PRO B 5 21.14 -15.68 6.08
C PRO B 5 21.25 -14.46 5.21
N LYS B 6 20.20 -13.64 5.25
CA LYS B 6 20.30 -12.28 4.72
C LYS B 6 20.98 -11.52 5.87
N ILE B 7 21.71 -10.42 5.59
CA ILE B 7 22.49 -9.74 6.61
C ILE B 7 22.34 -8.27 6.36
N GLN B 8 22.07 -7.44 7.38
CA GLN B 8 22.05 -5.99 7.22
C GLN B 8 22.86 -5.42 8.34
N VAL B 9 23.77 -4.49 8.04
CA VAL B 9 24.63 -3.85 9.05
C VAL B 9 24.28 -2.34 9.06
N TYR B 10 23.89 -1.79 10.20
CA TYR B 10 23.32 -0.44 10.24
C TYR B 10 23.30 0.03 11.68
N SER B 11 23.06 1.30 11.90
CA SER B 11 23.12 1.82 13.23
C SER B 11 21.70 2.18 13.72
N ARG B 12 21.55 2.34 15.04
CA ARG B 12 20.25 2.70 15.58
C ARG B 12 19.83 4.08 15.15
N HIS B 13 20.73 5.06 15.17
CA HIS B 13 20.42 6.45 14.81
C HIS B 13 21.31 6.91 13.65
N PRO B 14 20.97 7.98 12.92
CA PRO B 14 21.79 8.52 11.82
C PRO B 14 23.20 8.76 12.34
N ALA B 15 24.19 8.17 11.66
CA ALA B 15 25.56 8.27 12.11
C ALA B 15 26.08 9.69 12.14
N GLU B 16 26.70 10.05 13.25
CA GLU B 16 27.27 11.38 13.41
C GLU B 16 28.59 11.15 14.08
N ASN B 17 29.69 11.36 13.35
CA ASN B 17 31.02 11.14 13.91
C ASN B 17 31.21 11.81 15.26
N GLY B 18 31.69 11.07 16.25
CA GLY B 18 31.89 11.62 17.55
C GLY B 18 30.68 11.35 18.43
N LYS B 19 29.53 10.99 17.86
CA LYS B 19 28.32 10.71 18.64
C LYS B 19 28.05 9.22 18.85
N SER B 20 28.00 8.82 20.10
CA SER B 20 27.63 7.50 20.55
C SER B 20 26.37 7.02 19.83
N ASN B 21 26.24 5.74 19.54
CA ASN B 21 25.10 5.25 18.78
C ASN B 21 25.12 3.72 18.98
N PHE B 22 24.40 2.91 18.19
CA PHE B 22 24.46 1.47 18.31
C PHE B 22 24.67 0.89 16.95
N LEU B 23 25.61 -0.04 16.83
CA LEU B 23 25.85 -0.82 15.64
C LEU B 23 25.09 -2.13 15.68
N ASN B 24 24.22 -2.30 14.72
CA ASN B 24 23.35 -3.45 14.58
C ASN B 24 23.74 -4.38 13.42
N CYS B 25 23.68 -5.71 13.64
CA CYS B 25 23.80 -6.67 12.59
C CYS B 25 22.55 -7.53 12.68
N TYR B 26 21.64 -7.43 11.71
CA TYR B 26 20.39 -8.16 11.71
C TYR B 26 20.54 -9.33 10.75
N VAL B 27 20.41 -10.62 11.23
CA VAL B 27 20.48 -11.80 10.34
C VAL B 27 19.14 -12.46 10.29
N SER B 28 18.66 -12.81 9.11
CA SER B 28 17.31 -13.30 8.96
C SER B 28 17.19 -14.31 7.83
N GLY B 29 16.11 -15.05 7.78
CA GLY B 29 15.84 -15.95 6.69
C GLY B 29 16.73 -17.18 6.71
N PHE B 30 17.36 -17.54 7.81
CA PHE B 30 18.26 -18.65 7.76
C PHE B 30 17.68 -19.92 8.39
N HIS B 31 18.31 -21.06 8.08
CA HIS B 31 17.87 -22.32 8.65
C HIS B 31 18.96 -23.34 8.38
N PRO B 32 19.48 -24.14 9.32
CA PRO B 32 19.14 -24.21 10.75
C PRO B 32 19.47 -22.92 11.55
N SER B 33 19.17 -22.92 12.85
CA SER B 33 19.35 -21.74 13.69
C SER B 33 20.77 -21.49 14.17
N ASP B 34 21.59 -22.53 14.18
CA ASP B 34 22.94 -22.40 14.64
C ASP B 34 23.67 -21.36 13.79
N ILE B 35 24.21 -20.30 14.37
CA ILE B 35 24.85 -19.27 13.58
C ILE B 35 25.87 -18.62 14.44
N GLU B 36 26.87 -18.03 13.83
CA GLU B 36 27.89 -17.33 14.57
C GLU B 36 27.93 -15.92 13.99
N VAL B 37 27.78 -14.89 14.80
CA VAL B 37 27.84 -13.53 14.31
C VAL B 37 28.84 -12.72 15.13
N ASP B 38 29.74 -11.96 14.48
CA ASP B 38 30.63 -11.01 15.16
C ASP B 38 30.53 -9.62 14.55
N LEU B 39 30.69 -8.59 15.36
CA LEU B 39 30.78 -7.22 14.91
C LEU B 39 32.27 -6.88 14.99
N LEU B 40 32.86 -6.47 13.85
CA LEU B 40 34.28 -6.19 13.70
C LEU B 40 34.54 -4.69 13.63
N LYS B 41 35.57 -4.22 14.35
CA LYS B 41 36.09 -2.89 14.28
C LYS B 41 37.53 -3.01 13.81
N ASN B 42 37.81 -2.51 12.59
CA ASN B 42 39.14 -2.51 11.98
C ASN B 42 39.71 -3.90 11.92
N GLY B 43 38.80 -4.79 11.52
CA GLY B 43 39.12 -6.19 11.31
C GLY B 43 39.09 -6.99 12.57
N GLU B 44 38.98 -6.36 13.73
CA GLU B 44 39.04 -7.06 14.98
C GLU B 44 37.69 -7.22 15.59
N ARG B 45 37.48 -8.38 16.18
CA ARG B 45 36.21 -8.78 16.81
C ARG B 45 35.87 -7.95 18.02
N ILE B 46 34.79 -7.17 18.00
CA ILE B 46 34.34 -6.43 19.19
C ILE B 46 33.77 -7.45 20.18
N GLU B 47 34.32 -7.47 21.38
CA GLU B 47 34.03 -8.50 22.37
C GLU B 47 32.69 -8.43 23.08
N LYS B 48 32.19 -7.25 23.48
CA LYS B 48 30.94 -7.27 24.21
C LYS B 48 29.79 -6.91 23.27
N VAL B 49 29.17 -7.94 22.71
CA VAL B 49 28.10 -7.80 21.74
C VAL B 49 26.89 -8.58 22.24
N GLU B 50 25.72 -7.94 22.17
CA GLU B 50 24.45 -8.52 22.58
C GLU B 50 23.53 -9.01 21.48
N HIS B 51 22.69 -9.98 21.77
CA HIS B 51 21.80 -10.47 20.78
C HIS B 51 20.43 -10.77 21.31
N SER B 52 19.40 -10.73 20.50
CA SER B 52 18.08 -11.07 20.90
C SER B 52 17.98 -12.59 21.11
N ASP B 53 16.82 -13.11 21.50
CA ASP B 53 16.64 -14.54 21.56
C ASP B 53 16.02 -15.03 20.29
N LEU B 54 16.44 -16.22 19.88
CA LEU B 54 16.01 -16.83 18.63
C LEU B 54 14.51 -16.84 18.39
N SER B 55 14.07 -16.23 17.29
CA SER B 55 12.68 -16.21 16.92
C SER B 55 12.62 -16.54 15.45
N PHE B 56 11.46 -16.67 14.81
CA PHE B 56 11.42 -17.07 13.40
C PHE B 56 10.19 -16.45 12.75
N SER B 57 10.15 -16.43 11.40
CA SER B 57 9.10 -15.82 10.60
C SER B 57 8.01 -16.79 10.21
N LYS B 58 7.01 -16.36 9.43
CA LYS B 58 5.96 -17.27 9.05
C LYS B 58 6.49 -18.47 8.25
N ASP B 59 7.60 -18.32 7.54
CA ASP B 59 8.09 -19.42 6.76
C ASP B 59 9.09 -20.25 7.54
N TRP B 60 9.17 -20.08 8.88
CA TRP B 60 10.05 -20.85 9.79
C TRP B 60 11.51 -20.46 9.74
N SER B 61 11.97 -19.51 8.94
CA SER B 61 13.39 -19.24 8.96
C SER B 61 13.68 -18.34 10.15
N PHE B 62 14.90 -18.39 10.64
CA PHE B 62 15.24 -17.68 11.86
C PHE B 62 15.61 -16.21 11.72
N TYR B 63 15.49 -15.41 12.78
CA TYR B 63 16.09 -14.08 12.75
C TYR B 63 16.62 -13.72 14.14
N LEU B 64 17.69 -12.91 14.11
CA LEU B 64 18.46 -12.49 15.28
C LEU B 64 19.04 -11.09 15.08
N LEU B 65 18.90 -10.22 16.09
CA LEU B 65 19.56 -8.96 16.08
C LEU B 65 20.77 -9.08 17.03
N TYR B 66 21.95 -8.66 16.55
CA TYR B 66 23.16 -8.53 17.32
C TYR B 66 23.52 -7.06 17.33
N TYR B 67 23.99 -6.53 18.46
CA TYR B 67 24.28 -5.12 18.54
C TYR B 67 25.28 -4.80 19.63
N THR B 68 25.81 -3.59 19.58
CA THR B 68 26.81 -3.07 20.46
C THR B 68 26.75 -1.53 20.38
N GLU B 69 27.28 -0.87 21.39
CA GLU B 69 27.27 0.56 21.42
C GLU B 69 28.53 1.00 20.68
N PHE B 70 28.50 2.05 19.86
CA PHE B 70 29.71 2.56 19.24
C PHE B 70 29.65 4.06 19.00
N THR B 71 30.81 4.65 18.79
CA THR B 71 30.86 6.05 18.45
C THR B 71 31.55 6.15 17.07
N PRO B 72 30.82 6.23 15.93
CA PRO B 72 31.41 6.32 14.61
C PRO B 72 32.35 7.50 14.50
N THR B 73 33.39 7.26 13.70
CA THR B 73 34.31 8.28 13.33
C THR B 73 34.39 8.20 11.81
N GLU B 74 35.15 9.11 11.24
CA GLU B 74 35.39 9.13 9.82
C GLU B 74 36.26 7.94 9.40
N LYS B 75 37.19 7.62 10.30
CA LYS B 75 38.24 6.66 10.08
C LYS B 75 37.90 5.19 10.31
N ASP B 76 37.30 4.89 11.47
CA ASP B 76 37.08 3.51 11.87
C ASP B 76 36.14 2.75 10.97
N GLU B 77 36.60 1.56 10.61
CA GLU B 77 35.89 0.68 9.72
C GLU B 77 35.11 -0.34 10.54
N TYR B 78 33.81 -0.46 10.33
CA TYR B 78 32.97 -1.43 11.05
C TYR B 78 32.37 -2.46 10.09
N ALA B 79 32.18 -3.72 10.57
CA ALA B 79 31.60 -4.77 9.72
C ALA B 79 30.90 -5.85 10.56
N CYS B 80 30.13 -6.70 9.90
CA CYS B 80 29.51 -7.83 10.57
C CYS B 80 30.01 -9.09 9.89
N ARG B 81 30.39 -10.14 10.61
CA ARG B 81 30.92 -11.38 10.02
C ARG B 81 30.00 -12.51 10.43
N VAL B 82 29.50 -13.26 9.48
CA VAL B 82 28.53 -14.30 9.76
C VAL B 82 28.99 -15.66 9.29
N ASN B 83 28.91 -16.66 10.18
CA ASN B 83 29.19 -18.00 9.77
C ASN B 83 27.96 -18.86 9.97
N HIS B 84 27.64 -19.71 8.98
CA HIS B 84 26.45 -20.55 8.96
C HIS B 84 26.76 -21.74 8.07
N VAL B 85 26.12 -22.91 8.30
CA VAL B 85 26.33 -24.10 7.48
C VAL B 85 26.15 -23.92 5.96
N THR B 86 25.41 -22.91 5.51
CA THR B 86 25.20 -22.70 4.12
C THR B 86 26.36 -21.92 3.49
N LEU B 87 27.32 -21.42 4.27
CA LEU B 87 28.34 -20.55 3.73
C LEU B 87 29.66 -21.29 3.71
N SER B 88 30.35 -21.46 2.57
CA SER B 88 31.61 -22.22 2.62
C SER B 88 32.67 -21.50 3.38
N GLN B 89 32.51 -20.19 3.57
CA GLN B 89 33.45 -19.37 4.34
C GLN B 89 32.59 -18.24 4.94
N PRO B 90 32.97 -17.61 6.04
CA PRO B 90 32.22 -16.53 6.64
C PRO B 90 31.95 -15.36 5.73
N LYS B 91 30.77 -14.76 5.82
CA LYS B 91 30.40 -13.62 5.00
C LYS B 91 30.70 -12.36 5.79
N ILE B 92 31.54 -11.45 5.29
CA ILE B 92 31.80 -10.20 5.97
C ILE B 92 31.05 -9.10 5.24
N VAL B 93 30.11 -8.41 5.87
CA VAL B 93 29.44 -7.30 5.23
C VAL B 93 29.88 -6.05 5.96
N LYS B 94 30.39 -5.08 5.21
CA LYS B 94 30.89 -3.84 5.78
C LYS B 94 29.81 -2.82 6.09
N TRP B 95 29.95 -2.12 7.20
CA TRP B 95 29.01 -1.08 7.55
C TRP B 95 29.18 0.08 6.60
N ASP B 96 28.10 0.50 6.00
CA ASP B 96 28.07 1.72 5.21
C ASP B 96 27.09 2.62 5.93
N ARG B 97 27.48 3.80 6.39
CA ARG B 97 26.52 4.66 7.09
C ARG B 97 25.35 5.11 6.21
N ASP B 98 25.42 4.92 4.90
CA ASP B 98 24.32 5.28 4.05
C ASP B 98 23.30 4.21 3.84
N MET B 99 23.40 3.07 4.54
CA MET B 99 22.51 1.95 4.31
C MET B 99 21.94 1.42 5.63
N ALA C 1 -0.31 -15.31 28.33
CA ALA C 1 -0.19 -16.46 29.22
C ALA C 1 -0.24 -17.66 28.29
N ARG C 2 0.67 -18.60 28.45
CA ARG C 2 0.81 -19.77 27.60
C ARG C 2 -0.27 -20.81 27.82
N ALA C 3 -0.49 -21.62 26.79
CA ALA C 3 -1.40 -22.76 26.91
C ALA C 3 -0.69 -23.81 27.77
N ALA C 4 -1.41 -24.44 28.71
CA ALA C 4 -0.83 -25.48 29.54
C ALA C 4 -0.93 -26.86 28.92
N ALA C 5 -1.82 -27.07 27.95
CA ALA C 5 -1.94 -28.34 27.26
C ALA C 5 -0.59 -28.92 26.73
N ALA C 6 -0.31 -30.18 27.11
CA ALA C 6 0.91 -30.87 26.73
C ALA C 6 0.48 -32.00 25.80
N ALA C 7 0.75 -31.86 24.50
CA ALA C 7 0.34 -32.82 23.48
C ALA C 7 1.62 -33.45 22.93
N ALA C 8 1.60 -34.65 22.39
CA ALA C 8 2.83 -35.29 21.92
C ALA C 8 2.59 -35.80 20.51
N ALA C 9 3.62 -35.72 19.69
CA ALA C 9 3.52 -36.10 18.28
C ALA C 9 3.58 -37.62 18.05
N GLY D 1 -1.77 18.27 -1.65
CA GLY D 1 -0.79 18.02 -0.59
C GLY D 1 -1.64 17.72 0.64
N SER D 2 -2.09 18.77 1.31
CA SER D 2 -3.21 18.57 2.20
C SER D 2 -4.36 18.85 1.22
N HIS D 3 -4.33 19.94 0.44
CA HIS D 3 -5.41 20.16 -0.53
C HIS D 3 -4.89 20.52 -1.91
N SER D 4 -5.76 20.63 -2.95
CA SER D 4 -5.35 20.99 -4.32
C SER D 4 -6.47 21.57 -5.18
N MET D 5 -6.13 22.39 -6.15
CA MET D 5 -7.12 22.90 -7.10
C MET D 5 -6.52 22.63 -8.47
N ARG D 6 -7.36 22.31 -9.44
CA ARG D 6 -6.91 21.88 -10.75
C ARG D 6 -7.90 22.30 -11.83
N TYR D 7 -7.42 22.85 -12.93
CA TYR D 7 -8.32 23.13 -14.05
C TYR D 7 -7.81 22.31 -15.25
N PHE D 8 -8.71 21.60 -15.90
CA PHE D 8 -8.47 20.73 -17.05
C PHE D 8 -9.08 21.35 -18.30
N HIS D 9 -8.36 21.37 -19.45
CA HIS D 9 -8.86 22.00 -20.69
C HIS D 9 -8.61 21.07 -21.87
N THR D 10 -9.54 20.93 -22.79
CA THR D 10 -9.40 20.06 -23.94
C THR D 10 -10.04 20.77 -25.12
N SER D 11 -9.23 21.00 -26.19
CA SER D 11 -9.71 21.53 -27.48
C SER D 11 -9.45 20.48 -28.55
N VAL D 12 -10.43 20.19 -29.40
CA VAL D 12 -10.35 19.13 -30.39
C VAL D 12 -10.90 19.74 -31.67
N SER D 13 -10.07 19.82 -32.72
CA SER D 13 -10.51 20.41 -33.98
C SER D 13 -11.45 19.45 -34.67
N ARG D 14 -12.38 19.95 -35.46
CA ARG D 14 -13.32 19.11 -36.14
C ARG D 14 -13.42 19.53 -37.64
N PRO D 15 -12.37 19.26 -38.45
CA PRO D 15 -12.29 19.59 -39.87
C PRO D 15 -13.56 19.17 -40.62
N GLY D 16 -14.06 20.11 -41.41
CA GLY D 16 -15.27 19.85 -42.14
C GLY D 16 -16.47 19.69 -41.21
N ARG D 17 -16.46 20.07 -39.91
CA ARG D 17 -17.67 19.99 -39.09
C ARG D 17 -17.89 21.21 -38.21
N GLY D 18 -16.89 22.03 -37.97
CA GLY D 18 -17.18 23.23 -37.23
C GLY D 18 -15.92 23.71 -36.57
N GLU D 19 -16.07 24.73 -35.72
CA GLU D 19 -14.93 25.21 -34.96
C GLU D 19 -14.59 24.15 -33.92
N PRO D 20 -13.40 24.18 -33.34
CA PRO D 20 -12.98 23.25 -32.32
C PRO D 20 -13.96 23.26 -31.12
N ARG D 21 -14.12 22.07 -30.57
CA ARG D 21 -14.85 21.90 -29.34
C ARG D 21 -13.90 22.15 -28.18
N PHE D 22 -14.34 22.92 -27.19
CA PHE D 22 -13.53 23.23 -26.04
C PHE D 22 -14.32 22.87 -24.78
N ILE D 23 -13.75 22.05 -23.91
CA ILE D 23 -14.40 21.68 -22.65
C ILE D 23 -13.37 21.85 -21.54
N THR D 24 -13.72 22.57 -20.46
CA THR D 24 -12.86 22.71 -19.28
C THR D 24 -13.67 22.49 -17.96
N VAL D 25 -13.03 21.89 -16.96
CA VAL D 25 -13.64 21.64 -15.67
C VAL D 25 -12.62 21.98 -14.63
N GLY D 26 -13.05 22.37 -13.44
CA GLY D 26 -12.11 22.64 -12.36
C GLY D 26 -12.47 21.70 -11.19
N TYR D 27 -11.49 21.31 -10.39
CA TYR D 27 -11.68 20.41 -9.26
C TYR D 27 -11.02 21.02 -8.05
N VAL D 28 -11.62 20.81 -6.89
CA VAL D 28 -10.89 21.06 -5.64
C VAL D 28 -10.80 19.62 -5.10
N ASP D 29 -9.58 19.15 -4.88
CA ASP D 29 -9.36 17.77 -4.50
C ASP D 29 -10.15 16.88 -5.44
N ASP D 30 -11.08 15.99 -5.01
CA ASP D 30 -11.76 15.19 -5.99
C ASP D 30 -13.16 15.70 -6.24
N THR D 31 -13.47 16.94 -5.90
CA THR D 31 -14.83 17.49 -6.15
C THR D 31 -14.81 18.40 -7.37
N LEU D 32 -15.55 18.00 -8.41
CA LEU D 32 -15.78 18.86 -9.55
C LEU D 32 -16.60 20.07 -9.08
N PHE D 33 -16.17 21.30 -9.45
CA PHE D 33 -16.92 22.48 -9.03
C PHE D 33 -17.34 23.47 -10.09
N VAL D 34 -16.76 23.43 -11.30
CA VAL D 34 -17.13 24.33 -12.40
C VAL D 34 -16.91 23.58 -13.71
N ARG D 35 -17.68 23.95 -14.73
CA ARG D 35 -17.53 23.42 -16.08
C ARG D 35 -17.87 24.50 -17.10
N PHE D 36 -17.22 24.46 -18.26
CA PHE D 36 -17.50 25.33 -19.39
C PHE D 36 -17.41 24.45 -20.64
N ASP D 37 -18.48 24.41 -21.41
CA ASP D 37 -18.48 23.68 -22.65
C ASP D 37 -18.82 24.71 -23.73
N SER D 38 -17.88 24.89 -24.68
CA SER D 38 -18.01 25.84 -25.78
C SER D 38 -19.22 25.52 -26.63
N ASP D 39 -19.67 24.27 -26.62
CA ASP D 39 -20.79 23.88 -27.44
C ASP D 39 -22.16 24.19 -26.88
N ALA D 40 -22.20 24.77 -25.69
CA ALA D 40 -23.44 25.10 -25.00
C ALA D 40 -24.21 26.18 -25.71
N ALA D 41 -25.53 26.18 -25.54
CA ALA D 41 -26.34 27.30 -26.01
C ALA D 41 -25.92 28.50 -25.14
N SER D 42 -25.27 29.50 -25.73
CA SER D 42 -24.82 30.69 -25.02
C SER D 42 -23.77 30.35 -23.94
N PRO D 43 -22.67 29.60 -24.19
CA PRO D 43 -21.69 29.17 -23.19
C PRO D 43 -21.23 30.11 -22.06
N ARG D 44 -21.51 29.61 -20.85
CA ARG D 44 -21.11 30.27 -19.64
C ARG D 44 -20.45 29.21 -18.77
N GLU D 45 -19.51 29.62 -17.95
CA GLU D 45 -19.04 28.68 -16.96
C GLU D 45 -20.18 28.50 -15.92
N GLU D 46 -20.40 27.26 -15.47
CA GLU D 46 -21.48 26.93 -14.58
C GLU D 46 -21.01 26.19 -13.33
N PRO D 47 -21.71 26.34 -12.21
CA PRO D 47 -21.40 25.69 -10.95
C PRO D 47 -21.64 24.17 -10.98
N ARG D 48 -20.77 23.35 -10.41
CA ARG D 48 -21.02 21.92 -10.29
C ARG D 48 -20.86 21.40 -8.84
N ALA D 49 -20.59 22.30 -7.89
CA ALA D 49 -20.50 21.96 -6.47
C ALA D 49 -21.41 22.97 -5.75
N PRO D 50 -22.13 22.64 -4.64
CA PRO D 50 -23.04 23.57 -3.96
C PRO D 50 -22.35 24.80 -3.34
N TRP D 51 -21.13 24.62 -2.85
CA TRP D 51 -20.39 25.68 -2.20
C TRP D 51 -19.77 26.78 -3.11
N ILE D 52 -19.88 26.63 -4.43
CA ILE D 52 -19.36 27.61 -5.36
C ILE D 52 -20.48 28.51 -5.83
N GLU D 53 -21.72 28.10 -5.70
CA GLU D 53 -22.82 28.88 -6.25
C GLU D 53 -23.00 30.27 -5.62
N GLN D 54 -22.50 30.46 -4.41
CA GLN D 54 -22.57 31.73 -3.73
C GLN D 54 -21.68 32.76 -4.39
N GLU D 55 -20.83 32.37 -5.35
CA GLU D 55 -19.95 33.36 -5.90
C GLU D 55 -20.80 34.30 -6.73
N GLY D 56 -20.41 35.58 -6.72
CA GLY D 56 -21.18 36.63 -7.35
C GLY D 56 -21.23 36.64 -8.89
N PRO D 57 -22.06 37.52 -9.45
CA PRO D 57 -22.22 37.64 -10.88
C PRO D 57 -20.89 37.95 -11.61
N GLU D 58 -20.11 38.84 -11.04
CA GLU D 58 -18.80 39.16 -11.56
C GLU D 58 -17.84 37.98 -11.53
N TYR D 59 -18.04 36.99 -10.66
CA TYR D 59 -17.17 35.83 -10.68
C TYR D 59 -17.53 35.02 -11.93
N TRP D 60 -18.82 34.75 -12.16
CA TRP D 60 -19.25 33.93 -13.28
C TRP D 60 -18.94 34.59 -14.63
N ASP D 61 -18.96 35.92 -14.65
CA ASP D 61 -18.59 36.71 -15.82
C ASP D 61 -17.11 36.65 -16.14
N ARG D 62 -16.23 36.87 -15.17
CA ARG D 62 -14.80 36.84 -15.41
C ARG D 62 -14.41 35.47 -15.89
N GLU D 63 -14.94 34.44 -15.21
CA GLU D 63 -14.63 33.07 -15.52
C GLU D 63 -15.01 32.66 -16.92
N THR D 64 -16.25 32.97 -17.34
CA THR D 64 -16.70 32.79 -18.71
C THR D 64 -15.80 33.57 -19.70
N GLN D 65 -15.36 34.79 -19.42
CA GLN D 65 -14.45 35.51 -20.32
C GLN D 65 -13.13 34.81 -20.45
N ILE D 66 -12.54 34.32 -19.36
CA ILE D 66 -11.30 33.60 -19.40
C ILE D 66 -11.47 32.34 -20.20
N CYS D 67 -12.58 31.61 -20.06
CA CYS D 67 -12.81 30.36 -20.76
C CYS D 67 -12.98 30.57 -22.26
N LYS D 68 -13.78 31.58 -22.67
CA LYS D 68 -13.89 31.98 -24.07
C LYS D 68 -12.57 32.44 -24.68
N ALA D 69 -11.72 33.12 -23.90
CA ALA D 69 -10.43 33.49 -24.37
C ALA D 69 -9.53 32.29 -24.54
N LYS D 70 -9.60 31.25 -23.68
CA LYS D 70 -8.72 30.08 -23.83
C LYS D 70 -9.16 29.23 -25.00
N ALA D 71 -10.49 29.16 -25.28
CA ALA D 71 -11.01 28.47 -26.44
C ALA D 71 -10.43 29.12 -27.74
N GLN D 72 -10.36 30.45 -27.79
CA GLN D 72 -9.78 31.16 -28.91
C GLN D 72 -8.28 30.96 -29.01
N THR D 73 -7.53 31.14 -27.96
CA THR D 73 -6.13 30.90 -28.02
C THR D 73 -5.79 29.47 -28.50
N ASP D 74 -6.54 28.46 -28.03
CA ASP D 74 -6.43 27.08 -28.44
C ASP D 74 -6.70 26.86 -29.90
N ARG D 75 -7.74 27.47 -30.47
CA ARG D 75 -7.94 27.44 -31.93
C ARG D 75 -6.70 27.91 -32.75
N GLU D 76 -6.05 28.96 -32.28
CA GLU D 76 -4.84 29.50 -32.86
C GLU D 76 -3.69 28.59 -32.66
N ASP D 77 -3.58 27.97 -31.50
CA ASP D 77 -2.48 27.06 -31.19
C ASP D 77 -2.58 25.77 -32.03
N LEU D 78 -3.80 25.28 -32.24
CA LEU D 78 -4.03 24.19 -33.18
C LEU D 78 -3.49 24.54 -34.61
N ARG D 79 -3.75 25.77 -35.12
CA ARG D 79 -3.23 26.18 -36.43
C ARG D 79 -1.73 26.22 -36.38
N THR D 80 -1.16 26.82 -35.34
CA THR D 80 0.30 26.89 -35.17
C THR D 80 0.95 25.52 -35.20
N LEU D 81 0.38 24.55 -34.44
CA LEU D 81 0.93 23.22 -34.30
C LEU D 81 0.84 22.44 -35.62
N LEU D 82 -0.21 22.66 -36.41
CA LEU D 82 -0.26 22.10 -37.75
C LEU D 82 0.94 22.63 -38.54
N ARG D 83 1.33 23.90 -38.33
CA ARG D 83 2.52 24.42 -38.97
C ARG D 83 3.77 23.80 -38.39
N TYR D 84 3.95 23.74 -37.09
CA TYR D 84 5.18 23.16 -36.53
C TYR D 84 5.37 21.70 -36.91
N TYR D 85 4.29 20.94 -36.95
CA TYR D 85 4.39 19.54 -37.27
C TYR D 85 4.13 19.26 -38.75
N ASN D 86 3.91 20.27 -39.59
CA ASN D 86 3.61 20.14 -41.02
C ASN D 86 2.50 19.14 -41.27
N GLN D 87 1.35 19.40 -40.68
CA GLN D 87 0.23 18.52 -40.79
C GLN D 87 -0.87 19.19 -41.58
N SER D 88 -1.84 18.41 -41.98
CA SER D 88 -2.93 18.81 -42.82
C SER D 88 -4.08 19.34 -42.01
N GLU D 89 -4.81 20.30 -42.57
CA GLU D 89 -6.00 20.84 -41.95
C GLU D 89 -7.11 19.82 -41.99
N ALA D 90 -6.95 18.73 -42.75
CA ALA D 90 -7.98 17.74 -42.85
C ALA D 90 -7.98 16.76 -41.67
N GLY D 91 -6.95 16.71 -40.84
CA GLY D 91 -6.96 15.77 -39.72
C GLY D 91 -7.43 16.38 -38.39
N SER D 92 -8.14 15.66 -37.54
CA SER D 92 -8.52 16.18 -36.26
C SER D 92 -7.34 16.15 -35.30
N HIS D 93 -7.22 17.06 -34.36
CA HIS D 93 -6.10 17.07 -33.42
C HIS D 93 -6.57 17.56 -32.02
N THR D 94 -5.78 17.32 -30.97
CA THR D 94 -6.22 17.57 -29.61
C THR D 94 -5.15 18.26 -28.81
N LEU D 95 -5.59 19.33 -28.15
CA LEU D 95 -4.78 20.07 -27.21
C LEU D 95 -5.38 19.94 -25.83
N GLN D 96 -4.56 19.58 -24.85
CA GLN D 96 -4.98 19.46 -23.46
C GLN D 96 -4.05 20.26 -22.61
N ASN D 97 -4.59 20.82 -21.56
CA ASN D 97 -3.80 21.56 -20.58
C ASN D 97 -4.41 21.44 -19.15
N MET D 98 -3.53 21.20 -18.20
CA MET D 98 -3.86 21.14 -16.80
C MET D 98 -2.98 22.12 -16.03
N TYR D 99 -3.53 22.89 -15.10
CA TYR D 99 -2.69 23.69 -14.20
C TYR D 99 -3.33 23.75 -12.83
N GLY D 100 -2.59 24.04 -11.76
CA GLY D 100 -3.21 24.18 -10.47
C GLY D 100 -2.15 24.19 -9.37
N CYS D 101 -2.61 24.06 -8.11
CA CYS D 101 -1.74 24.16 -6.97
C CYS D 101 -2.12 23.20 -5.85
N ASP D 102 -1.10 22.83 -5.07
CA ASP D 102 -1.27 22.05 -3.88
C ASP D 102 -0.92 22.90 -2.71
N VAL D 103 -1.77 22.97 -1.68
CA VAL D 103 -1.35 23.69 -0.47
C VAL D 103 -1.25 22.70 0.66
N GLY D 104 -0.37 23.06 1.58
CA GLY D 104 -0.23 22.31 2.81
C GLY D 104 -1.18 22.84 3.86
N PRO D 105 -1.13 22.37 5.10
CA PRO D 105 -2.01 22.79 6.22
C PRO D 105 -1.72 24.21 6.65
N ASP D 106 -0.46 24.64 6.52
CA ASP D 106 -0.09 26.02 6.76
C ASP D 106 -0.79 26.99 5.82
N GLY D 107 -1.30 26.47 4.69
CA GLY D 107 -2.01 27.32 3.77
C GLY D 107 -1.08 27.93 2.76
N ARG D 108 0.15 27.45 2.64
CA ARG D 108 1.06 28.00 1.67
C ARG D 108 1.24 26.95 0.60
N LEU D 109 1.57 27.40 -0.62
CA LEU D 109 1.78 26.52 -1.77
C LEU D 109 2.77 25.39 -1.50
N LEU D 110 2.55 24.22 -2.05
CA LEU D 110 3.44 23.13 -1.82
C LEU D 110 4.12 22.79 -3.12
N ARG D 111 3.35 22.82 -4.19
CA ARG D 111 3.74 22.40 -5.53
C ARG D 111 2.76 23.03 -6.52
N GLY D 112 3.30 23.66 -7.55
CA GLY D 112 2.50 24.24 -8.61
C GLY D 112 2.59 23.36 -9.85
N TYR D 113 1.66 23.50 -10.78
CA TYR D 113 1.56 22.68 -11.99
C TYR D 113 1.09 23.47 -13.18
N HIS D 114 1.55 23.13 -14.36
CA HIS D 114 1.03 23.70 -15.60
C HIS D 114 1.68 22.90 -16.69
N GLN D 115 0.90 22.13 -17.42
CA GLN D 115 1.45 21.35 -18.50
C GLN D 115 0.43 21.13 -19.59
N ASP D 116 0.97 20.83 -20.76
CA ASP D 116 0.25 20.78 -22.01
C ASP D 116 0.54 19.50 -22.78
N ALA D 117 -0.43 19.06 -23.55
CA ALA D 117 -0.25 17.87 -24.38
C ALA D 117 -0.89 18.07 -25.75
N TYR D 118 -0.25 17.41 -26.73
CA TYR D 118 -0.74 17.45 -28.11
C TYR D 118 -0.93 16.02 -28.56
N ASP D 119 -2.14 15.73 -29.03
CA ASP D 119 -2.53 14.40 -29.50
C ASP D 119 -2.16 13.29 -28.53
N GLY D 120 -2.39 13.61 -27.25
CA GLY D 120 -2.28 12.67 -26.15
C GLY D 120 -0.87 12.45 -25.62
N LYS D 121 0.12 13.22 -26.10
CA LYS D 121 1.48 13.06 -25.63
C LYS D 121 1.96 14.40 -25.08
N ASP D 122 2.98 14.38 -24.21
CA ASP D 122 3.54 15.57 -23.60
C ASP D 122 4.02 16.57 -24.63
N TYR D 123 3.74 17.84 -24.42
CA TYR D 123 4.14 18.87 -25.33
C TYR D 123 5.12 19.74 -24.56
N ILE D 124 4.68 20.62 -23.64
CA ILE D 124 5.66 21.40 -22.92
C ILE D 124 5.18 21.43 -21.46
N ALA D 125 6.06 21.35 -20.45
CA ALA D 125 5.56 21.34 -19.09
C ALA D 125 6.35 22.28 -18.20
N LEU D 126 5.68 23.03 -17.33
CA LEU D 126 6.38 23.89 -16.39
C LEU D 126 7.06 22.98 -15.38
N ASN D 127 8.34 23.25 -15.07
CA ASN D 127 9.03 22.43 -14.10
C ASN D 127 8.62 22.79 -12.67
N GLU D 128 8.99 21.94 -11.69
CA GLU D 128 8.55 22.09 -10.29
C GLU D 128 8.98 23.42 -9.69
N ASP D 129 10.07 23.97 -10.25
CA ASP D 129 10.62 25.23 -9.87
C ASP D 129 9.71 26.40 -10.23
N LEU D 130 8.71 26.16 -11.09
CA LEU D 130 7.74 27.13 -11.58
C LEU D 130 8.42 28.27 -12.30
N SER D 131 9.58 27.98 -12.84
CA SER D 131 10.48 28.96 -13.41
C SER D 131 11.05 28.58 -14.78
N SER D 132 11.08 27.31 -15.15
CA SER D 132 11.67 26.90 -16.38
C SER D 132 10.82 25.80 -16.96
N TRP D 133 11.14 25.39 -18.20
CA TRP D 133 10.32 24.47 -18.95
C TRP D 133 10.96 23.16 -19.36
N THR D 134 10.16 22.12 -19.55
CA THR D 134 10.60 20.92 -20.24
C THR D 134 9.75 20.67 -21.46
N ALA D 135 10.45 20.65 -22.60
CA ALA D 135 9.87 20.52 -23.93
C ALA D 135 10.08 19.08 -24.41
N ALA D 136 9.04 18.48 -24.96
CA ALA D 136 9.09 17.06 -25.26
C ALA D 136 9.67 16.74 -26.62
N ASP D 137 9.72 17.72 -27.52
CA ASP D 137 10.31 17.49 -28.81
C ASP D 137 10.80 18.82 -29.38
N THR D 138 11.22 18.75 -30.63
CA THR D 138 11.64 19.91 -31.39
C THR D 138 10.57 21.00 -31.55
N ALA D 139 9.32 20.68 -31.91
CA ALA D 139 8.28 21.71 -32.06
C ALA D 139 7.99 22.49 -30.77
N ALA D 140 7.87 21.74 -29.66
CA ALA D 140 7.65 22.31 -28.34
C ALA D 140 8.85 23.17 -27.98
N GLN D 141 10.04 22.87 -28.54
CA GLN D 141 11.19 23.73 -28.30
C GLN D 141 10.99 25.11 -28.89
N ILE D 142 10.25 25.26 -29.97
CA ILE D 142 9.94 26.55 -30.56
C ILE D 142 9.04 27.29 -29.55
N THR D 143 7.97 26.65 -29.07
CA THR D 143 7.12 27.21 -28.01
C THR D 143 7.96 27.61 -26.78
N GLN D 144 8.93 26.79 -26.35
CA GLN D 144 9.71 27.07 -25.15
C GLN D 144 10.44 28.39 -25.31
N ARG D 145 11.12 28.54 -26.46
CA ARG D 145 11.85 29.76 -26.78
C ARG D 145 10.93 30.97 -26.77
N LYS D 146 9.77 30.86 -27.38
CA LYS D 146 8.83 31.94 -27.36
C LYS D 146 8.36 32.31 -25.95
N TRP D 147 8.19 31.27 -25.10
CA TRP D 147 7.67 31.45 -23.75
C TRP D 147 8.74 32.01 -22.82
N GLU D 148 10.01 31.65 -22.98
CA GLU D 148 11.13 32.23 -22.23
C GLU D 148 11.30 33.70 -22.59
N ALA D 149 11.12 34.00 -23.87
CA ALA D 149 11.24 35.36 -24.38
C ALA D 149 10.19 36.25 -23.79
N ALA D 150 8.96 35.71 -23.74
CA ALA D 150 7.82 36.42 -23.25
C ALA D 150 7.69 36.42 -21.73
N ARG D 151 8.63 35.84 -20.99
CA ARG D 151 8.57 35.73 -19.53
C ARG D 151 7.24 35.13 -19.02
N VAL D 152 6.80 34.04 -19.66
CA VAL D 152 5.54 33.39 -19.32
C VAL D 152 5.62 32.65 -17.97
N ALA D 153 6.73 31.97 -17.71
CA ALA D 153 6.95 31.21 -16.48
C ALA D 153 6.79 32.04 -15.21
N GLU D 154 7.27 33.29 -15.17
CA GLU D 154 7.13 34.04 -13.95
C GLU D 154 5.72 34.56 -13.72
N GLN D 155 4.89 34.74 -14.76
CA GLN D 155 3.51 35.13 -14.53
C GLN D 155 2.68 33.96 -14.00
N LEU D 156 2.97 32.76 -14.52
CA LEU D 156 2.31 31.56 -14.04
C LEU D 156 2.66 31.38 -12.59
N ARG D 157 3.96 31.42 -12.27
CA ARG D 157 4.46 31.39 -10.92
C ARG D 157 3.74 32.43 -10.06
N ALA D 158 3.64 33.69 -10.48
CA ALA D 158 2.91 34.67 -9.72
C ALA D 158 1.47 34.24 -9.45
N TYR D 159 0.77 33.59 -10.40
CA TYR D 159 -0.59 33.09 -10.17
C TYR D 159 -0.59 31.93 -9.16
N LEU D 160 0.27 30.93 -9.33
CA LEU D 160 0.29 29.72 -8.53
C LEU D 160 0.63 29.99 -7.05
N GLU D 161 1.58 30.89 -6.84
CA GLU D 161 1.92 31.34 -5.50
C GLU D 161 0.88 32.30 -4.96
N GLY D 162 0.05 32.92 -5.79
CA GLY D 162 -0.87 33.89 -5.24
C GLY D 162 -2.31 33.42 -5.26
N GLU D 163 -3.00 33.92 -6.29
CA GLU D 163 -4.40 33.66 -6.53
C GLU D 163 -4.77 32.21 -6.43
N CYS D 164 -3.95 31.26 -6.94
CA CYS D 164 -4.31 29.85 -6.91
C CYS D 164 -4.52 29.42 -5.45
N VAL D 165 -3.56 29.76 -4.58
CA VAL D 165 -3.61 29.44 -3.17
C VAL D 165 -4.76 30.12 -2.43
N GLU D 166 -4.87 31.45 -2.53
CA GLU D 166 -5.89 32.21 -1.82
C GLU D 166 -7.30 31.74 -2.16
N TRP D 167 -7.59 31.45 -3.43
CA TRP D 167 -8.91 30.99 -3.82
C TRP D 167 -9.13 29.54 -3.46
N LEU D 168 -8.15 28.67 -3.50
CA LEU D 168 -8.36 27.33 -2.99
C LEU D 168 -8.67 27.42 -1.47
N ARG D 169 -7.94 28.19 -0.64
CA ARG D 169 -8.26 28.35 0.77
C ARG D 169 -9.66 28.93 0.94
N ARG D 170 -10.09 29.82 0.03
CA ARG D 170 -11.45 30.33 0.03
C ARG D 170 -12.45 29.23 -0.25
N TYR D 171 -12.18 28.35 -1.20
CA TYR D 171 -13.13 27.26 -1.49
C TYR D 171 -13.20 26.28 -0.33
N LEU D 172 -12.06 26.00 0.27
CA LEU D 172 -11.95 25.14 1.43
C LEU D 172 -12.71 25.73 2.63
N GLU D 173 -12.59 27.03 2.90
CA GLU D 173 -13.33 27.61 3.99
C GLU D 173 -14.78 27.46 3.64
N ASN D 174 -15.17 27.93 2.47
CA ASN D 174 -16.58 27.92 2.09
C ASN D 174 -17.23 26.55 1.93
N GLY D 175 -16.49 25.51 1.56
CA GLY D 175 -17.05 24.18 1.42
C GLY D 175 -16.53 23.19 2.46
N LYS D 176 -16.06 23.70 3.59
CA LYS D 176 -15.52 22.94 4.74
C LYS D 176 -16.22 21.63 5.15
N GLU D 177 -17.56 21.69 5.24
CA GLU D 177 -18.35 20.58 5.76
C GLU D 177 -18.35 19.36 4.86
N THR D 178 -18.06 19.54 3.56
CA THR D 178 -17.99 18.46 2.60
C THR D 178 -16.58 18.25 2.13
N LEU D 179 -15.77 19.29 1.97
CA LEU D 179 -14.42 19.14 1.42
C LEU D 179 -13.42 18.78 2.48
N GLN D 180 -13.68 19.22 3.73
CA GLN D 180 -12.73 18.92 4.80
C GLN D 180 -13.24 17.79 5.72
N ARG D 181 -14.10 16.97 5.15
CA ARG D 181 -14.63 15.82 5.81
C ARG D 181 -14.29 14.60 4.97
N ALA D 182 -13.57 13.63 5.50
CA ALA D 182 -13.32 12.41 4.76
C ALA D 182 -14.50 11.49 5.01
N ASP D 183 -15.07 10.85 4.00
CA ASP D 183 -16.15 9.95 4.23
C ASP D 183 -15.61 8.50 4.15
N PRO D 184 -15.60 7.70 5.26
CA PRO D 184 -15.11 6.32 5.26
C PRO D 184 -15.91 5.39 4.35
N PRO D 185 -15.27 4.39 3.73
CA PRO D 185 -15.94 3.47 2.86
C PRO D 185 -16.81 2.52 3.67
N LYS D 186 -17.99 2.25 3.18
CA LYS D 186 -18.78 1.19 3.71
C LYS D 186 -18.19 -0.07 3.09
N THR D 187 -17.72 -1.03 3.90
CA THR D 187 -17.08 -2.21 3.32
C THR D 187 -17.79 -3.54 3.51
N HIS D 188 -17.59 -4.51 2.61
CA HIS D 188 -18.05 -5.85 2.84
C HIS D 188 -17.45 -6.80 1.85
N VAL D 189 -17.59 -8.12 2.11
CA VAL D 189 -17.07 -9.17 1.26
C VAL D 189 -18.22 -10.01 0.76
N THR D 190 -18.22 -10.32 -0.54
CA THR D 190 -19.19 -11.23 -1.07
C THR D 190 -18.46 -12.44 -1.64
N HIS D 191 -19.23 -13.47 -1.94
CA HIS D 191 -18.66 -14.76 -2.31
C HIS D 191 -19.38 -15.20 -3.56
N HIS D 192 -18.62 -15.63 -4.60
CA HIS D 192 -19.23 -15.92 -5.90
C HIS D 192 -18.70 -17.26 -6.44
N PRO D 193 -19.43 -18.37 -6.23
CA PRO D 193 -19.10 -19.72 -6.66
C PRO D 193 -18.75 -19.75 -8.13
N ILE D 194 -17.58 -20.20 -8.50
CA ILE D 194 -17.16 -20.28 -9.90
C ILE D 194 -17.55 -21.66 -10.42
N SER D 195 -17.21 -22.67 -9.62
CA SER D 195 -17.63 -24.02 -9.92
C SER D 195 -17.85 -24.65 -8.53
N ASP D 196 -17.97 -25.99 -8.48
CA ASP D 196 -17.99 -26.73 -7.23
C ASP D 196 -16.65 -26.78 -6.56
N HIS D 197 -15.59 -26.21 -7.13
CA HIS D 197 -14.27 -26.38 -6.57
C HIS D 197 -13.57 -25.06 -6.34
N GLU D 198 -14.17 -23.95 -6.72
CA GLU D 198 -13.53 -22.64 -6.56
C GLU D 198 -14.55 -21.53 -6.46
N ALA D 199 -14.13 -20.41 -5.91
CA ALA D 199 -15.05 -19.32 -5.70
C ALA D 199 -14.31 -18.01 -5.72
N THR D 200 -14.95 -16.90 -6.13
CA THR D 200 -14.31 -15.60 -6.10
C THR D 200 -14.70 -14.88 -4.82
N LEU D 201 -13.74 -14.34 -4.06
CA LEU D 201 -14.04 -13.49 -2.94
C LEU D 201 -13.87 -12.05 -3.37
N ARG D 202 -14.90 -11.21 -3.29
CA ARG D 202 -14.79 -9.81 -3.69
C ARG D 202 -14.98 -8.87 -2.51
N CYS D 203 -13.96 -8.09 -2.24
CA CYS D 203 -13.98 -7.12 -1.17
C CYS D 203 -14.41 -5.76 -1.71
N TRP D 204 -15.45 -5.15 -1.15
CA TRP D 204 -16.05 -3.91 -1.64
C TRP D 204 -15.83 -2.75 -0.73
N ALA D 205 -15.42 -1.60 -1.27
CA ALA D 205 -15.36 -0.35 -0.54
C ALA D 205 -16.29 0.57 -1.29
N LEU D 206 -17.28 1.14 -0.64
CA LEU D 206 -18.30 1.91 -1.34
C LEU D 206 -18.58 3.21 -0.58
N GLY D 207 -19.04 4.26 -1.27
CA GLY D 207 -19.41 5.50 -0.59
C GLY D 207 -18.27 6.28 0.03
N PHE D 208 -17.03 6.11 -0.38
CA PHE D 208 -15.94 6.85 0.25
C PHE D 208 -15.51 8.11 -0.49
N TYR D 209 -14.84 8.98 0.23
CA TYR D 209 -14.31 10.22 -0.33
C TYR D 209 -13.21 10.63 0.64
N PRO D 210 -12.01 11.11 0.22
CA PRO D 210 -11.57 11.27 -1.18
C PRO D 210 -11.30 9.92 -1.87
N ALA D 211 -11.01 9.91 -3.19
CA ALA D 211 -10.80 8.70 -3.96
C ALA D 211 -9.67 7.76 -3.57
N GLU D 212 -8.56 8.29 -3.04
CA GLU D 212 -7.42 7.47 -2.60
C GLU D 212 -7.82 6.45 -1.57
N ILE D 213 -7.34 5.21 -1.72
CA ILE D 213 -7.72 4.12 -0.83
C ILE D 213 -6.84 2.91 -1.14
N THR D 214 -6.61 2.00 -0.17
CA THR D 214 -5.94 0.74 -0.47
C THR D 214 -6.78 -0.49 -0.09
N LEU D 215 -7.04 -1.41 -1.01
CA LEU D 215 -7.69 -2.66 -0.74
C LEU D 215 -6.64 -3.73 -1.03
N THR D 216 -6.44 -4.70 -0.13
CA THR D 216 -5.47 -5.78 -0.25
C THR D 216 -6.14 -7.09 0.19
N TRP D 217 -5.82 -8.23 -0.43
CA TRP D 217 -6.30 -9.52 0.06
C TRP D 217 -5.15 -10.29 0.65
N GLN D 218 -5.41 -10.93 1.81
CA GLN D 218 -4.40 -11.76 2.46
C GLN D 218 -4.86 -13.18 2.75
N ARG D 219 -4.04 -14.23 2.53
CA ARG D 219 -4.35 -15.59 2.95
C ARG D 219 -3.48 -15.89 4.18
N ASP D 220 -4.10 -16.06 5.34
CA ASP D 220 -3.42 -16.32 6.62
C ASP D 220 -2.49 -15.18 7.04
N GLY D 221 -2.69 -13.99 6.47
CA GLY D 221 -1.86 -12.85 6.78
C GLY D 221 -0.78 -12.60 5.75
N GLU D 222 -0.74 -13.29 4.62
CA GLU D 222 0.30 -13.08 3.66
C GLU D 222 -0.33 -12.44 2.44
N ASP D 223 0.32 -11.48 1.80
CA ASP D 223 -0.26 -10.81 0.63
C ASP D 223 -0.45 -11.70 -0.54
N GLN D 224 -1.50 -11.38 -1.32
CA GLN D 224 -1.89 -12.16 -2.48
C GLN D 224 -1.81 -11.34 -3.76
N THR D 225 -0.79 -10.47 -3.81
CA THR D 225 -0.56 -9.49 -4.88
C THR D 225 -0.88 -9.94 -6.28
N GLN D 226 -0.04 -10.86 -6.76
CA GLN D 226 -0.09 -11.32 -8.13
C GLN D 226 -1.41 -11.98 -8.48
N ASP D 227 -2.18 -12.38 -7.46
CA ASP D 227 -3.45 -13.04 -7.72
C ASP D 227 -4.64 -12.12 -7.53
N THR D 228 -4.49 -10.89 -7.05
CA THR D 228 -5.67 -10.08 -6.82
C THR D 228 -6.06 -9.19 -7.98
N GLU D 229 -7.30 -9.33 -8.47
CA GLU D 229 -7.82 -8.45 -9.48
C GLU D 229 -8.31 -7.20 -8.77
N LEU D 230 -7.84 -6.05 -9.20
CA LEU D 230 -8.20 -4.80 -8.59
C LEU D 230 -8.80 -3.87 -9.64
N VAL D 231 -10.07 -3.50 -9.56
CA VAL D 231 -10.60 -2.58 -10.57
C VAL D 231 -10.17 -1.15 -10.23
N GLU D 232 -10.17 -0.26 -11.23
CA GLU D 232 -9.83 1.14 -11.07
C GLU D 232 -10.97 1.75 -10.29
N THR D 233 -10.61 2.73 -9.44
CA THR D 233 -11.55 3.39 -8.57
C THR D 233 -12.56 4.14 -9.43
N ARG D 234 -13.85 3.97 -9.20
CA ARG D 234 -14.86 4.54 -10.07
C ARG D 234 -15.85 5.45 -9.30
N PRO D 235 -16.39 6.49 -9.95
CA PRO D 235 -17.35 7.41 -9.36
C PRO D 235 -18.69 6.70 -9.06
N ALA D 236 -19.28 6.94 -7.90
CA ALA D 236 -20.60 6.39 -7.69
C ALA D 236 -21.60 7.27 -8.40
N GLY D 237 -21.26 8.53 -8.60
CA GLY D 237 -22.21 9.40 -9.28
C GLY D 237 -22.89 10.32 -8.29
N ASP D 238 -22.42 10.39 -7.04
CA ASP D 238 -23.04 11.23 -6.01
C ASP D 238 -21.98 11.98 -5.24
N ARG D 239 -20.80 11.99 -5.89
CA ARG D 239 -19.54 12.57 -5.48
C ARG D 239 -18.66 11.62 -4.68
N THR D 240 -19.10 10.41 -4.30
CA THR D 240 -18.22 9.46 -3.61
C THR D 240 -17.71 8.40 -4.60
N PHE D 241 -16.82 7.51 -4.22
CA PHE D 241 -16.21 6.53 -5.09
C PHE D 241 -16.54 5.09 -4.64
N GLN D 242 -16.15 4.15 -5.49
CA GLN D 242 -16.24 2.72 -5.20
C GLN D 242 -15.00 2.05 -5.79
N LYS D 243 -14.68 0.94 -5.18
CA LYS D 243 -13.58 0.12 -5.64
C LYS D 243 -13.80 -1.28 -5.06
N TRP D 244 -13.42 -2.34 -5.76
CA TRP D 244 -13.38 -3.65 -5.17
C TRP D 244 -12.09 -4.34 -5.59
N ALA D 245 -11.76 -5.40 -4.84
CA ALA D 245 -10.65 -6.29 -5.11
C ALA D 245 -11.21 -7.71 -5.03
N ALA D 246 -10.84 -8.60 -5.93
CA ALA D 246 -11.31 -9.99 -5.95
C ALA D 246 -10.15 -10.98 -6.01
N VAL D 247 -10.34 -12.16 -5.41
CA VAL D 247 -9.36 -13.24 -5.50
C VAL D 247 -10.17 -14.53 -5.70
N VAL D 248 -9.70 -15.45 -6.55
CA VAL D 248 -10.31 -16.73 -6.79
C VAL D 248 -9.61 -17.66 -5.81
N VAL D 249 -10.37 -18.39 -4.99
CA VAL D 249 -9.85 -19.30 -3.96
C VAL D 249 -10.41 -20.73 -4.14
N PRO D 250 -9.68 -21.76 -3.68
CA PRO D 250 -10.13 -23.16 -3.70
C PRO D 250 -11.31 -23.26 -2.76
N SER D 251 -12.40 -23.88 -3.14
CA SER D 251 -13.52 -24.11 -2.23
C SER D 251 -13.05 -24.80 -0.94
N GLY D 252 -13.46 -24.24 0.19
CA GLY D 252 -13.02 -24.71 1.47
C GLY D 252 -11.95 -23.82 2.07
N GLU D 253 -11.29 -22.93 1.29
CA GLU D 253 -10.23 -22.12 1.88
C GLU D 253 -10.66 -20.70 2.19
N GLU D 254 -11.95 -20.41 2.00
CA GLU D 254 -12.47 -19.08 2.07
C GLU D 254 -12.19 -18.36 3.35
N GLN D 255 -12.24 -19.04 4.49
CA GLN D 255 -12.12 -18.37 5.77
C GLN D 255 -10.68 -18.06 6.11
N ARG D 256 -9.72 -18.32 5.26
CA ARG D 256 -8.35 -17.95 5.57
C ARG D 256 -8.00 -16.62 4.92
N TYR D 257 -8.90 -16.08 4.10
CA TYR D 257 -8.62 -14.88 3.37
C TYR D 257 -9.24 -13.69 4.08
N THR D 258 -8.46 -12.61 4.25
CA THR D 258 -8.95 -11.41 4.88
C THR D 258 -8.74 -10.21 3.95
N CYS D 259 -9.77 -9.38 3.83
CA CYS D 259 -9.66 -8.14 3.07
C CYS D 259 -9.22 -7.00 3.99
N HIS D 260 -8.20 -6.25 3.57
CA HIS D 260 -7.60 -5.18 4.34
C HIS D 260 -7.84 -3.84 3.65
N VAL D 261 -8.49 -2.89 4.31
CA VAL D 261 -8.85 -1.61 3.73
C VAL D 261 -8.14 -0.43 4.40
N GLN D 262 -7.46 0.46 3.66
CA GLN D 262 -6.83 1.66 4.21
C GLN D 262 -7.48 2.85 3.53
N HIS D 263 -7.90 3.85 4.30
CA HIS D 263 -8.56 5.04 3.79
C HIS D 263 -8.51 6.09 4.88
N GLU D 264 -8.18 7.34 4.55
CA GLU D 264 -8.07 8.36 5.58
C GLU D 264 -9.32 8.61 6.38
N GLY D 265 -10.49 8.29 5.86
CA GLY D 265 -11.72 8.37 6.63
C GLY D 265 -11.80 7.27 7.71
N LEU D 266 -10.81 6.40 7.86
CA LEU D 266 -10.84 5.30 8.79
C LEU D 266 -9.83 5.55 9.90
N PRO D 267 -10.19 5.46 11.20
CA PRO D 267 -9.27 5.64 12.35
C PRO D 267 -8.05 4.75 12.20
N LYS D 268 -8.31 3.46 11.95
CA LYS D 268 -7.27 2.49 11.68
C LYS D 268 -7.80 1.57 10.59
N PRO D 269 -6.92 0.87 9.87
CA PRO D 269 -7.28 -0.03 8.78
C PRO D 269 -8.27 -1.08 9.21
N LEU D 270 -9.21 -1.35 8.30
CA LEU D 270 -10.17 -2.42 8.48
C LEU D 270 -9.62 -3.77 7.99
N THR D 271 -10.18 -4.83 8.55
CA THR D 271 -9.90 -6.18 8.16
C THR D 271 -11.27 -6.88 8.16
N LEU D 272 -11.60 -7.59 7.09
CA LEU D 272 -12.91 -8.20 6.94
C LEU D 272 -12.68 -9.57 6.36
N ARG D 273 -13.69 -10.42 6.53
CA ARG D 273 -13.70 -11.76 5.99
C ARG D 273 -15.11 -11.95 5.49
N TRP D 274 -15.30 -12.98 4.67
CA TRP D 274 -16.61 -13.36 4.20
C TRP D 274 -17.41 -13.81 5.41
N GLU D 275 -18.47 -13.13 5.76
CA GLU D 275 -19.30 -13.55 6.84
C GLU D 275 -20.54 -14.13 6.20
N PRO D 276 -20.58 -15.48 6.04
CA PRO D 276 -21.70 -16.20 5.44
C PRO D 276 -22.99 -16.00 6.20
N ILE E 1 -1.39 9.66 -29.81
CA ILE E 1 -1.41 8.25 -29.43
C ILE E 1 -2.87 7.84 -29.34
N GLN E 2 -3.28 6.61 -29.67
CA GLN E 2 -4.66 6.22 -29.47
C GLN E 2 -4.74 5.17 -28.37
N ARG E 3 -5.75 5.27 -27.52
CA ARG E 3 -6.01 4.35 -26.38
C ARG E 3 -7.46 3.92 -26.36
N THR E 4 -7.66 2.63 -26.26
CA THR E 4 -9.01 2.09 -26.24
C THR E 4 -9.61 2.28 -24.80
N PRO E 5 -10.91 2.53 -24.64
CA PRO E 5 -11.54 2.69 -23.34
C PRO E 5 -11.64 1.41 -22.53
N LYS E 6 -11.32 1.60 -21.25
CA LYS E 6 -11.70 0.69 -20.17
C LYS E 6 -13.18 0.97 -19.92
N ILE E 7 -13.98 -0.06 -19.59
CA ILE E 7 -15.42 0.09 -19.37
C ILE E 7 -15.85 -0.66 -18.10
N GLN E 8 -16.54 -0.03 -17.15
CA GLN E 8 -17.14 -0.72 -16.01
C GLN E 8 -18.61 -0.33 -15.98
N VAL E 9 -19.51 -1.29 -15.79
CA VAL E 9 -20.93 -1.06 -15.77
C VAL E 9 -21.38 -1.51 -14.38
N TYR E 10 -22.12 -0.71 -13.59
CA TYR E 10 -22.35 -1.04 -12.19
C TYR E 10 -23.41 -0.12 -11.65
N SER E 11 -23.99 -0.40 -10.48
CA SER E 11 -25.02 0.44 -9.90
C SER E 11 -24.44 1.36 -8.84
N ARG E 12 -25.09 2.52 -8.60
CA ARG E 12 -24.64 3.44 -7.56
C ARG E 12 -24.80 2.85 -6.16
N HIS E 13 -25.89 2.16 -5.89
CA HIS E 13 -26.13 1.48 -4.62
C HIS E 13 -26.24 -0.02 -4.91
N PRO E 14 -25.95 -0.94 -3.99
CA PRO E 14 -26.09 -2.36 -4.18
C PRO E 14 -27.48 -2.63 -4.75
N ALA E 15 -27.59 -3.52 -5.73
CA ALA E 15 -28.84 -3.76 -6.39
C ALA E 15 -29.85 -4.45 -5.49
N GLU E 16 -31.09 -4.00 -5.52
CA GLU E 16 -32.14 -4.65 -4.77
C GLU E 16 -33.32 -4.61 -5.71
N ASN E 17 -33.77 -5.77 -6.18
CA ASN E 17 -34.84 -5.83 -7.15
C ASN E 17 -36.04 -5.09 -6.67
N GLY E 18 -36.70 -4.34 -7.53
CA GLY E 18 -37.86 -3.59 -7.15
C GLY E 18 -37.45 -2.23 -6.62
N LYS E 19 -36.19 -2.02 -6.25
CA LYS E 19 -35.73 -0.76 -5.67
C LYS E 19 -34.93 0.14 -6.65
N SER E 20 -35.37 1.35 -6.98
CA SER E 20 -34.70 2.20 -7.91
C SER E 20 -33.29 2.53 -7.48
N ASN E 21 -32.46 2.90 -8.41
CA ASN E 21 -31.04 2.93 -8.19
C ASN E 21 -30.43 3.71 -9.37
N PHE E 22 -29.11 3.82 -9.52
CA PHE E 22 -28.54 4.43 -10.72
C PHE E 22 -27.61 3.41 -11.38
N LEU E 23 -27.76 3.26 -12.71
CA LEU E 23 -26.91 2.45 -13.55
C LEU E 23 -25.88 3.37 -14.15
N ASN E 24 -24.64 3.00 -13.91
CA ASN E 24 -23.47 3.73 -14.29
C ASN E 24 -22.68 2.99 -15.34
N CYS E 25 -22.12 3.71 -16.34
CA CYS E 25 -21.12 3.15 -17.25
C CYS E 25 -19.96 4.11 -17.19
N TYR E 26 -18.83 3.64 -16.71
CA TYR E 26 -17.68 4.50 -16.57
C TYR E 26 -16.70 4.11 -17.62
N VAL E 27 -16.35 5.02 -18.55
CA VAL E 27 -15.38 4.73 -19.60
C VAL E 27 -14.17 5.59 -19.30
N SER E 28 -12.97 5.02 -19.35
CA SER E 28 -11.77 5.76 -19.03
C SER E 28 -10.53 5.25 -19.78
N GLY E 29 -9.44 6.01 -19.72
CA GLY E 29 -8.19 5.57 -20.30
C GLY E 29 -8.20 5.65 -21.82
N PHE E 30 -9.07 6.45 -22.41
CA PHE E 30 -9.17 6.45 -23.85
C PHE E 30 -8.64 7.78 -24.48
N HIS E 31 -8.24 7.73 -25.74
CA HIS E 31 -7.73 8.88 -26.48
C HIS E 31 -7.87 8.45 -27.94
N PRO E 32 -8.47 9.21 -28.85
CA PRO E 32 -9.06 10.57 -28.64
C PRO E 32 -10.35 10.66 -27.81
N SER E 33 -10.86 11.86 -27.52
CA SER E 33 -12.06 12.08 -26.72
C SER E 33 -13.40 11.69 -27.34
N ASP E 34 -13.49 11.68 -28.66
CA ASP E 34 -14.72 11.33 -29.34
C ASP E 34 -15.10 9.89 -29.01
N ILE E 35 -16.28 9.66 -28.48
CA ILE E 35 -16.72 8.34 -28.07
C ILE E 35 -18.21 8.35 -28.02
N GLU E 36 -18.81 7.20 -28.24
CA GLU E 36 -20.23 7.10 -28.19
C GLU E 36 -20.57 6.06 -27.13
N VAL E 37 -21.46 6.35 -26.20
CA VAL E 37 -21.78 5.41 -25.15
C VAL E 37 -23.29 5.27 -25.00
N ASP E 38 -23.78 4.02 -24.98
CA ASP E 38 -25.19 3.75 -24.78
C ASP E 38 -25.44 2.74 -23.69
N LEU E 39 -26.50 2.96 -22.94
CA LEU E 39 -26.92 2.06 -21.89
C LEU E 39 -28.10 1.34 -22.49
N LEU E 40 -28.09 0.01 -22.35
CA LEU E 40 -29.11 -0.82 -22.95
C LEU E 40 -29.92 -1.55 -21.89
N LYS E 41 -31.20 -1.54 -22.15
CA LYS E 41 -32.15 -2.30 -21.41
C LYS E 41 -32.75 -3.33 -22.37
N ASN E 42 -32.39 -4.58 -22.16
CA ASN E 42 -32.93 -5.67 -22.95
C ASN E 42 -32.62 -5.51 -24.43
N GLY E 43 -31.39 -5.08 -24.70
CA GLY E 43 -30.92 -4.92 -26.05
C GLY E 43 -31.29 -3.56 -26.65
N GLU E 44 -32.24 -2.87 -26.03
CA GLU E 44 -32.72 -1.58 -26.50
C GLU E 44 -32.04 -0.45 -25.79
N ARG E 45 -31.64 0.54 -26.53
CA ARG E 45 -30.96 1.73 -26.06
C ARG E 45 -31.88 2.57 -25.17
N ILE E 46 -31.45 2.90 -23.97
CA ILE E 46 -32.21 3.74 -23.08
C ILE E 46 -31.99 5.17 -23.54
N GLU E 47 -32.98 6.03 -23.37
CA GLU E 47 -33.00 7.37 -23.93
C GLU E 47 -32.59 8.46 -22.97
N LYS E 48 -33.09 8.41 -21.73
CA LYS E 48 -32.79 9.47 -20.78
C LYS E 48 -31.46 9.23 -20.09
N VAL E 49 -30.34 9.44 -20.74
CA VAL E 49 -29.05 9.14 -20.13
C VAL E 49 -28.23 10.42 -20.00
N GLU E 50 -27.65 10.59 -18.81
CA GLU E 50 -26.78 11.72 -18.51
C GLU E 50 -25.31 11.34 -18.57
N HIS E 51 -24.44 12.29 -18.78
CA HIS E 51 -23.03 11.99 -18.81
C HIS E 51 -22.28 13.15 -18.17
N SER E 52 -21.06 12.93 -17.73
CA SER E 52 -20.31 14.00 -17.12
C SER E 52 -19.65 14.85 -18.20
N ASP E 53 -18.86 15.84 -17.80
CA ASP E 53 -18.14 16.67 -18.74
C ASP E 53 -16.75 16.07 -18.88
N LEU E 54 -16.17 16.11 -20.05
CA LEU E 54 -14.88 15.52 -20.30
C LEU E 54 -13.74 16.05 -19.44
N SER E 55 -13.06 15.10 -18.80
CA SER E 55 -11.85 15.40 -18.04
C SER E 55 -10.90 14.27 -18.41
N PHE E 56 -9.69 14.27 -17.83
CA PHE E 56 -8.65 13.31 -18.19
C PHE E 56 -7.69 13.15 -17.00
N SER E 57 -6.96 12.02 -17.05
CA SER E 57 -5.99 11.56 -16.07
C SER E 57 -4.60 12.10 -16.26
N LYS E 58 -3.70 11.67 -15.39
CA LYS E 58 -2.33 12.10 -15.37
C LYS E 58 -1.65 11.84 -16.72
N ASP E 59 -2.03 10.70 -17.34
CA ASP E 59 -1.45 10.31 -18.62
C ASP E 59 -2.16 10.90 -19.84
N TRP E 60 -3.03 11.88 -19.59
CA TRP E 60 -3.86 12.58 -20.58
C TRP E 60 -5.00 11.74 -21.14
N SER E 61 -5.22 10.49 -20.71
CA SER E 61 -6.38 9.75 -21.24
C SER E 61 -7.68 10.24 -20.63
N PHE E 62 -8.75 10.21 -21.38
CA PHE E 62 -10.01 10.75 -20.93
C PHE E 62 -10.83 9.77 -20.13
N TYR E 63 -11.77 10.34 -19.35
CA TYR E 63 -12.76 9.55 -18.63
C TYR E 63 -14.11 10.25 -18.61
N LEU E 64 -15.17 9.46 -18.70
CA LEU E 64 -16.53 9.94 -18.68
C LEU E 64 -17.44 8.98 -17.91
N LEU E 65 -18.42 9.51 -17.20
CA LEU E 65 -19.42 8.73 -16.54
C LEU E 65 -20.75 8.99 -17.27
N TYR E 66 -21.42 7.93 -17.69
CA TYR E 66 -22.77 8.02 -18.22
C TYR E 66 -23.65 7.29 -17.22
N TYR E 67 -24.87 7.75 -17.02
CA TYR E 67 -25.73 7.08 -16.05
C TYR E 67 -27.20 7.44 -16.27
N THR E 68 -28.07 6.61 -15.74
CA THR E 68 -29.49 6.75 -15.85
C THR E 68 -30.06 6.07 -14.59
N GLU E 69 -31.28 6.43 -14.22
CA GLU E 69 -31.91 5.92 -13.05
C GLU E 69 -32.58 4.65 -13.48
N PHE E 70 -32.45 3.55 -12.75
CA PHE E 70 -33.15 2.33 -13.12
C PHE E 70 -33.66 1.60 -11.88
N THR E 71 -34.56 0.66 -12.07
CA THR E 71 -34.96 -0.20 -10.98
C THR E 71 -34.61 -1.62 -11.37
N PRO E 72 -33.59 -2.24 -10.77
CA PRO E 72 -33.17 -3.60 -11.04
C PRO E 72 -34.31 -4.58 -10.81
N THR E 73 -34.36 -5.56 -11.69
CA THR E 73 -35.30 -6.61 -11.54
C THR E 73 -34.45 -7.86 -11.79
N GLU E 74 -35.06 -8.97 -11.49
CA GLU E 74 -34.44 -10.25 -11.69
C GLU E 74 -34.33 -10.56 -13.19
N LYS E 75 -35.35 -10.12 -13.91
CA LYS E 75 -35.52 -10.47 -15.28
C LYS E 75 -34.73 -9.59 -16.26
N ASP E 76 -34.80 -8.26 -16.13
CA ASP E 76 -34.22 -7.37 -17.11
C ASP E 76 -32.71 -7.43 -17.18
N GLU E 77 -32.22 -7.39 -18.44
CA GLU E 77 -30.79 -7.39 -18.73
C GLU E 77 -30.37 -5.93 -18.97
N TYR E 78 -29.19 -5.54 -18.53
CA TYR E 78 -28.70 -4.17 -18.70
C TYR E 78 -27.28 -4.20 -19.23
N ALA E 79 -26.88 -3.21 -20.05
CA ALA E 79 -25.56 -3.23 -20.61
C ALA E 79 -25.10 -1.85 -21.03
N CYS E 80 -23.83 -1.77 -21.41
CA CYS E 80 -23.19 -0.56 -21.88
C CYS E 80 -22.56 -0.89 -23.22
N ARG E 81 -23.00 -0.23 -24.29
CA ARG E 81 -22.43 -0.31 -25.64
C ARG E 81 -21.55 0.93 -25.84
N VAL E 82 -20.31 0.74 -26.19
CA VAL E 82 -19.36 1.82 -26.32
C VAL E 82 -18.76 1.77 -27.73
N ASN E 83 -18.74 2.86 -28.52
CA ASN E 83 -17.92 2.82 -29.71
C ASN E 83 -16.84 3.89 -29.71
N HIS E 84 -15.65 3.59 -30.21
CA HIS E 84 -14.52 4.51 -30.23
C HIS E 84 -13.64 4.12 -31.43
N VAL E 85 -12.86 5.07 -31.97
CA VAL E 85 -12.01 4.83 -33.12
C VAL E 85 -11.09 3.60 -32.96
N THR E 86 -10.67 3.22 -31.77
CA THR E 86 -9.90 2.01 -31.55
C THR E 86 -10.77 0.76 -31.58
N LEU E 87 -12.04 0.82 -31.92
CA LEU E 87 -12.86 -0.35 -31.85
C LEU E 87 -13.51 -0.50 -33.20
N SER E 88 -13.23 -1.65 -33.82
CA SER E 88 -13.81 -2.03 -35.11
C SER E 88 -15.28 -2.34 -34.99
N GLN E 89 -15.75 -2.69 -33.79
CA GLN E 89 -17.17 -2.97 -33.56
C GLN E 89 -17.48 -2.38 -32.14
N PRO E 90 -18.71 -1.95 -31.84
CA PRO E 90 -19.11 -1.43 -30.54
C PRO E 90 -18.88 -2.50 -29.50
N LYS E 91 -18.30 -2.18 -28.35
CA LYS E 91 -18.05 -3.15 -27.29
C LYS E 91 -19.22 -3.07 -26.35
N ILE E 92 -19.88 -4.20 -26.05
CA ILE E 92 -21.02 -4.23 -25.15
C ILE E 92 -20.58 -4.98 -23.93
N VAL E 93 -20.63 -4.31 -22.77
CA VAL E 93 -20.33 -4.93 -21.50
C VAL E 93 -21.65 -5.07 -20.74
N LYS E 94 -22.04 -6.31 -20.47
CA LYS E 94 -23.28 -6.53 -19.75
C LYS E 94 -23.13 -6.21 -18.26
N TRP E 95 -24.12 -5.57 -17.66
CA TRP E 95 -24.15 -5.32 -16.23
C TRP E 95 -24.27 -6.65 -15.47
N ASP E 96 -23.37 -6.80 -14.53
CA ASP E 96 -23.43 -7.88 -13.57
C ASP E 96 -23.57 -7.23 -12.20
N ARG E 97 -24.65 -7.53 -11.44
CA ARG E 97 -24.86 -6.88 -10.16
C ARG E 97 -23.81 -7.20 -9.13
N ASP E 98 -23.01 -8.24 -9.34
CA ASP E 98 -21.96 -8.59 -8.42
C ASP E 98 -20.63 -7.95 -8.77
N MET E 99 -20.64 -6.97 -9.68
CA MET E 99 -19.39 -6.32 -10.11
C MET E 99 -19.54 -4.81 -10.09
N ALA F 1 -10.41 29.98 -8.89
CA ALA F 1 -10.55 31.05 -9.83
C ALA F 1 -9.42 30.80 -10.82
N ARG F 2 -9.72 30.86 -12.11
CA ARG F 2 -8.78 30.59 -13.19
C ARG F 2 -7.73 31.68 -13.38
N ALA F 3 -6.60 31.28 -13.97
CA ALA F 3 -5.57 32.22 -14.36
C ALA F 3 -6.10 33.00 -15.58
N ALA F 4 -5.91 34.33 -15.60
CA ALA F 4 -6.34 35.13 -16.74
C ALA F 4 -5.28 35.23 -17.81
N ALA F 5 -4.02 34.93 -17.53
CA ALA F 5 -2.97 34.92 -18.54
C ALA F 5 -3.30 34.11 -19.82
N ALA F 6 -3.17 34.78 -20.98
CA ALA F 6 -3.46 34.18 -22.28
C ALA F 6 -2.12 34.07 -23.00
N ALA F 7 -1.58 32.86 -23.10
CA ALA F 7 -0.28 32.62 -23.71
C ALA F 7 -0.54 31.86 -25.01
N ALA F 8 0.33 31.89 -26.02
CA ALA F 8 0.08 31.20 -27.29
C ALA F 8 1.29 30.39 -27.65
N ALA F 9 1.07 29.24 -28.26
CA ALA F 9 2.14 28.30 -28.57
C ALA F 9 2.91 28.67 -29.85
#